data_4ZPQ
#
_entry.id   4ZPQ
#
_cell.length_a   190.806
_cell.length_b   104.916
_cell.length_c   80.066
_cell.angle_alpha   90.00
_cell.angle_beta   97.03
_cell.angle_gamma   90.00
#
_symmetry.space_group_name_H-M   'C 1 2 1'
#
loop_
_entity.id
_entity.type
_entity.pdbx_description
1 polymer 'MCG133388, isoform CRA_f'
2 branched alpha-L-fucopyranose-(1-6)-2-acetamido-2-deoxy-beta-D-glucopyranose
3 branched 2-acetamido-2-deoxy-beta-D-glucopyranose-(1-4)-[alpha-L-fucopyranose-(1-6)]2-acetamido-2-deoxy-beta-D-glucopyranose
4 non-polymer 'CALCIUM ION'
5 non-polymer alpha-D-mannopyranose
6 water water
#
_entity_poly.entity_id   1
_entity_poly.type   'polypeptide(L)'
_entity_poly.pdbx_seq_one_letter_code
;QLRYSVVEESEPGTLVGNVAQDLGLKGTDLLSRRLRLGSEENGRYFSLSLVSGALAVSQKIDRESLCGASTSCLLPVQVV
TEHPLELTRVEVEILDLNDNSPSFATPDREMRISESAAPGARFPLDSAQDPDVGTNTVSFYTLSPNSHFSLHVKTLKDGK
LFPELVLEQQLDRETQARHQLVLTAVDGGTPARSGTSLISVIVLDVNDNAPTFQSSVLRVGLPENTPPGTLLLRLNATDP
DEGTNGQLDYSFGDHTSETVKNLFGLDPSSGAIHVLGPVDFEESNFYEIHARARDQGQPAMEGHCVIQVDVGDANDHHHH
HHHH
;
_entity_poly.pdbx_strand_id   A,B,C
#
loop_
_chem_comp.id
_chem_comp.type
_chem_comp.name
_chem_comp.formula
CA non-polymer 'CALCIUM ION' 'Ca 2'
FUC L-saccharide, alpha linking alpha-L-fucopyranose 'C6 H12 O5'
MAN D-saccharide, alpha linking alpha-D-mannopyranose 'C6 H12 O6'
NAG D-saccharide, beta linking 2-acetamido-2-deoxy-beta-D-glucopyranose 'C8 H15 N O6'
#
# COMPACT_ATOMS: atom_id res chain seq x y z
N GLN A 1 10.78 7.33 -32.20
CA GLN A 1 11.84 7.61 -33.16
C GLN A 1 12.78 6.41 -33.30
N LEU A 2 13.68 6.25 -32.34
CA LEU A 2 14.56 5.09 -32.30
C LEU A 2 14.14 4.18 -31.15
N ARG A 3 14.13 2.88 -31.39
CA ARG A 3 13.74 1.92 -30.35
C ARG A 3 14.74 0.78 -30.23
N TYR A 4 15.39 0.70 -29.07
CA TYR A 4 16.33 -0.38 -28.81
C TYR A 4 15.94 -1.12 -27.54
N SER A 5 16.55 -2.29 -27.32
CA SER A 5 16.27 -3.08 -26.13
C SER A 5 17.55 -3.66 -25.55
N VAL A 6 17.59 -3.82 -24.23
CA VAL A 6 18.74 -4.43 -23.58
C VAL A 6 18.30 -5.18 -22.32
N VAL A 7 18.90 -6.35 -22.10
CA VAL A 7 18.55 -7.19 -20.95
C VAL A 7 19.14 -6.62 -19.67
N GLU A 8 18.34 -6.62 -18.61
CA GLU A 8 18.76 -6.19 -17.29
C GLU A 8 20.04 -6.89 -16.82
N GLU A 9 20.84 -6.18 -16.02
CA GLU A 9 22.06 -6.72 -15.40
C GLU A 9 23.11 -7.18 -16.40
N SER A 10 22.97 -6.77 -17.66
CA SER A 10 23.96 -7.11 -18.66
C SER A 10 25.27 -6.37 -18.37
N GLU A 11 26.39 -7.06 -18.58
CA GLU A 11 27.70 -6.49 -18.26
C GLU A 11 27.99 -5.26 -19.12
N PRO A 12 28.61 -4.23 -18.53
CA PRO A 12 28.97 -2.99 -19.22
C PRO A 12 29.85 -3.24 -20.44
N GLY A 13 29.54 -2.57 -21.55
CA GLY A 13 30.21 -2.81 -22.81
C GLY A 13 29.32 -3.61 -23.73
N THR A 14 28.16 -4.02 -23.20
CA THR A 14 27.18 -4.75 -23.98
C THR A 14 26.53 -3.84 -25.02
N LEU A 15 26.51 -4.29 -26.26
CA LEU A 15 25.93 -3.51 -27.36
C LEU A 15 24.43 -3.31 -27.16
N VAL A 16 23.96 -2.09 -27.39
CA VAL A 16 22.55 -1.78 -27.25
C VAL A 16 21.95 -1.49 -28.63
N GLY A 17 22.62 -0.64 -29.40
CA GLY A 17 22.14 -0.34 -30.74
C GLY A 17 23.04 0.56 -31.55
N ASN A 18 23.24 0.20 -32.81
CA ASN A 18 24.08 0.99 -33.70
C ASN A 18 23.36 2.25 -34.16
N VAL A 19 23.58 3.35 -33.44
CA VAL A 19 22.93 4.62 -33.73
C VAL A 19 23.39 5.21 -35.05
N ALA A 20 24.70 5.20 -35.26
CA ALA A 20 25.29 5.77 -36.48
C ALA A 20 24.75 5.12 -37.74
N GLN A 21 24.70 3.79 -37.73
CA GLN A 21 24.20 3.03 -38.88
C GLN A 21 22.72 3.34 -39.15
N ASP A 22 21.95 3.45 -38.08
CA ASP A 22 20.51 3.72 -38.19
C ASP A 22 20.22 5.18 -38.49
N LEU A 23 21.24 6.03 -38.42
CA LEU A 23 21.06 7.45 -38.68
C LEU A 23 21.66 7.87 -40.02
N GLY A 24 22.48 7.00 -40.60
CA GLY A 24 23.07 7.27 -41.90
C GLY A 24 24.45 7.91 -41.85
N LEU A 25 25.03 7.98 -40.65
CA LEU A 25 26.37 8.54 -40.49
C LEU A 25 27.42 7.47 -40.75
N LYS A 26 28.48 7.84 -41.47
CA LYS A 26 29.50 6.87 -41.85
C LYS A 26 30.92 7.42 -41.71
N GLY A 27 31.69 6.83 -40.79
CA GLY A 27 33.10 7.14 -40.66
C GLY A 27 33.40 8.55 -40.18
N THR A 28 33.64 9.45 -41.13
CA THR A 28 34.05 10.82 -40.82
C THR A 28 32.88 11.62 -40.24
N ASP A 29 31.69 11.31 -40.72
CA ASP A 29 30.46 12.01 -40.31
C ASP A 29 30.29 12.05 -38.80
N LEU A 30 30.82 11.05 -38.11
CA LEU A 30 30.70 10.98 -36.65
C LEU A 30 31.47 12.11 -35.98
N LEU A 31 32.67 12.39 -36.47
CA LEU A 31 33.48 13.47 -35.91
C LEU A 31 33.03 14.83 -36.43
N SER A 32 32.76 14.91 -37.72
CA SER A 32 32.37 16.15 -38.36
C SER A 32 31.03 16.68 -37.83
N ARG A 33 30.10 15.77 -37.56
CA ARG A 33 28.78 16.17 -37.09
C ARG A 33 28.69 16.08 -35.56
N ARG A 34 29.80 15.70 -34.94
CA ARG A 34 29.91 15.65 -33.48
C ARG A 34 28.81 14.81 -32.84
N LEU A 35 28.95 13.49 -32.93
CA LEU A 35 27.98 12.56 -32.37
C LEU A 35 28.01 12.59 -30.85
N ARG A 36 26.90 13.01 -30.24
CA ARG A 36 26.84 13.17 -28.79
C ARG A 36 25.59 12.57 -28.16
N LEU A 37 25.61 12.46 -26.84
CA LEU A 37 24.41 12.15 -26.06
C LEU A 37 23.84 13.45 -25.51
N GLY A 38 22.54 13.46 -25.22
CA GLY A 38 21.85 14.65 -24.76
C GLY A 38 22.53 15.42 -23.65
N SER A 39 22.63 14.81 -22.47
CA SER A 39 23.27 15.46 -21.32
C SER A 39 24.17 14.47 -20.57
N GLU A 40 24.69 14.92 -19.43
CA GLU A 40 25.52 14.07 -18.59
C GLU A 40 24.71 12.96 -17.94
N GLU A 41 23.42 13.20 -17.76
CA GLU A 41 22.52 12.20 -17.16
C GLU A 41 22.27 11.06 -18.13
N ASN A 42 22.29 11.37 -19.41
CA ASN A 42 22.08 10.37 -20.46
C ASN A 42 23.16 9.29 -20.45
N GLY A 43 24.39 9.71 -20.20
CA GLY A 43 25.53 8.81 -20.23
C GLY A 43 25.81 8.10 -18.92
N ARG A 44 24.83 8.11 -18.02
CA ARG A 44 24.98 7.43 -16.74
C ARG A 44 25.04 5.91 -16.92
N TYR A 45 24.17 5.38 -17.77
CA TYR A 45 24.11 3.95 -18.00
C TYR A 45 24.57 3.57 -19.40
N PHE A 46 24.69 4.57 -20.27
CA PHE A 46 25.03 4.30 -21.67
C PHE A 46 26.30 5.02 -22.12
N SER A 47 26.80 4.60 -23.27
CA SER A 47 27.99 5.21 -23.87
C SER A 47 27.89 5.16 -25.39
N LEU A 48 28.13 6.30 -26.01
CA LEU A 48 28.08 6.40 -27.47
C LEU A 48 29.48 6.67 -28.01
N SER A 49 29.97 5.75 -28.84
CA SER A 49 31.32 5.82 -29.35
C SER A 49 31.43 6.67 -30.61
N LEU A 50 32.45 7.52 -30.65
CA LEU A 50 32.72 8.33 -31.83
C LEU A 50 33.42 7.48 -32.90
N VAL A 51 33.99 6.36 -32.47
CA VAL A 51 34.71 5.47 -33.38
C VAL A 51 33.79 4.45 -34.04
N SER A 52 33.07 3.68 -33.22
CA SER A 52 32.21 2.62 -33.73
C SER A 52 30.81 3.12 -34.07
N GLY A 53 30.39 4.18 -33.40
CA GLY A 53 29.06 4.73 -33.62
C GLY A 53 27.99 3.88 -32.96
N ALA A 54 28.42 3.00 -32.08
CA ALA A 54 27.51 2.08 -31.42
C ALA A 54 27.19 2.53 -30.00
N LEU A 55 25.90 2.50 -29.66
CA LEU A 55 25.44 2.80 -28.31
C LEU A 55 25.46 1.53 -27.48
N ALA A 56 26.19 1.59 -26.37
CA ALA A 56 26.38 0.42 -25.51
C ALA A 56 26.13 0.73 -24.05
N VAL A 57 26.16 -0.31 -23.21
CA VAL A 57 25.93 -0.15 -21.78
C VAL A 57 27.19 0.33 -21.06
N SER A 58 27.05 1.44 -20.32
CA SER A 58 28.16 2.00 -19.56
C SER A 58 28.21 1.43 -18.14
N GLN A 59 27.05 1.36 -17.51
CA GLN A 59 26.95 0.86 -16.14
C GLN A 59 25.91 -0.24 -16.06
N LYS A 60 26.19 -1.25 -15.23
CA LYS A 60 25.29 -2.38 -15.04
C LYS A 60 23.91 -1.91 -14.59
N ILE A 61 22.89 -2.24 -15.38
CA ILE A 61 21.54 -1.71 -15.15
C ILE A 61 20.66 -2.68 -14.38
N ASP A 62 19.99 -2.16 -13.36
CA ASP A 62 19.05 -2.92 -12.56
C ASP A 62 17.63 -2.43 -12.79
N ARG A 63 16.82 -3.26 -13.43
CA ARG A 63 15.44 -2.87 -13.79
C ARG A 63 14.60 -2.64 -12.54
N GLU A 64 14.92 -3.36 -11.47
CA GLU A 64 14.23 -3.20 -10.20
C GLU A 64 14.52 -1.83 -9.60
N SER A 65 15.63 -1.22 -10.02
CA SER A 65 16.03 0.09 -9.53
C SER A 65 15.35 1.22 -10.28
N LEU A 66 15.16 1.03 -11.58
CA LEU A 66 14.64 2.08 -12.45
C LEU A 66 13.11 2.11 -12.53
N CYS A 67 12.52 0.98 -12.86
CA CYS A 67 11.08 0.92 -13.09
C CYS A 67 10.31 0.28 -11.93
N GLY A 68 11.03 -0.38 -11.03
CA GLY A 68 10.42 -1.02 -9.89
C GLY A 68 9.48 -2.15 -10.30
N ALA A 69 8.18 -1.91 -10.18
CA ALA A 69 7.19 -2.93 -10.50
C ALA A 69 6.40 -2.57 -11.75
N SER A 70 6.91 -1.63 -12.52
CA SER A 70 6.27 -1.23 -13.78
C SER A 70 6.37 -2.33 -14.82
N THR A 71 5.32 -2.49 -15.60
CA THR A 71 5.28 -3.51 -16.65
C THR A 71 6.34 -3.25 -17.72
N SER A 72 6.46 -2.00 -18.14
CA SER A 72 7.44 -1.64 -19.16
C SER A 72 8.41 -0.57 -18.66
N CYS A 73 9.70 -0.82 -18.86
CA CYS A 73 10.74 0.12 -18.45
C CYS A 73 11.39 0.79 -19.66
N LEU A 74 11.02 2.04 -19.90
CA LEU A 74 11.54 2.78 -21.05
C LEU A 74 12.54 3.85 -20.62
N LEU A 75 13.78 3.72 -21.08
CA LEU A 75 14.82 4.70 -20.78
C LEU A 75 15.09 5.60 -21.96
N PRO A 76 14.66 6.88 -21.87
CA PRO A 76 14.82 7.85 -22.95
C PRO A 76 16.18 8.56 -22.92
N VAL A 77 16.82 8.65 -24.08
CA VAL A 77 18.07 9.39 -24.22
C VAL A 77 18.08 10.17 -25.53
N GLN A 78 18.79 11.30 -25.55
CA GLN A 78 18.84 12.16 -26.72
C GLN A 78 20.17 12.07 -27.44
N VAL A 79 20.13 11.88 -28.75
CA VAL A 79 21.34 11.85 -29.57
C VAL A 79 21.43 13.07 -30.46
N VAL A 80 22.43 13.92 -30.23
CA VAL A 80 22.56 15.17 -30.96
C VAL A 80 23.59 15.07 -32.08
N THR A 81 23.17 15.42 -33.29
CA THR A 81 24.09 15.46 -34.43
C THR A 81 24.05 16.82 -35.12
N GLU A 82 25.21 17.44 -35.26
CA GLU A 82 25.30 18.79 -35.81
C GLU A 82 25.45 18.78 -37.34
N HIS A 83 25.22 19.95 -37.93
CA HIS A 83 25.34 20.15 -39.38
C HIS A 83 24.50 19.17 -40.20
N PRO A 84 23.16 19.35 -40.18
CA PRO A 84 22.45 20.37 -39.41
C PRO A 84 22.12 19.90 -38.00
N LEU A 85 22.00 20.84 -37.07
CA LEU A 85 21.76 20.49 -35.67
C LEU A 85 20.39 19.85 -35.49
N GLU A 86 20.40 18.53 -35.27
CA GLU A 86 19.17 17.78 -35.05
C GLU A 86 19.33 16.83 -33.87
N LEU A 87 18.27 16.74 -33.07
CA LEU A 87 18.24 15.82 -31.94
C LEU A 87 17.36 14.61 -32.26
N THR A 88 17.76 13.45 -31.77
CA THR A 88 17.04 12.21 -32.04
C THR A 88 16.66 11.50 -30.75
N ARG A 89 15.40 11.09 -30.67
CA ARG A 89 14.88 10.41 -29.49
C ARG A 89 15.18 8.91 -29.54
N VAL A 90 15.87 8.41 -28.52
CA VAL A 90 16.20 7.00 -28.44
C VAL A 90 15.59 6.37 -27.19
N GLU A 91 14.73 5.38 -27.40
CA GLU A 91 14.05 4.70 -26.31
C GLU A 91 14.62 3.30 -26.09
N VAL A 92 15.34 3.12 -25.00
CA VAL A 92 15.94 1.84 -24.66
C VAL A 92 15.13 1.10 -23.61
N GLU A 93 14.48 0.02 -24.03
CA GLU A 93 13.68 -0.79 -23.12
C GLU A 93 14.55 -1.77 -22.34
N ILE A 94 14.45 -1.73 -21.02
CA ILE A 94 15.17 -2.65 -20.15
C ILE A 94 14.35 -3.92 -19.92
N LEU A 95 14.73 -5.00 -20.60
CA LEU A 95 14.01 -6.26 -20.47
C LEU A 95 14.25 -6.88 -19.10
N ASP A 96 13.17 -7.35 -18.47
CA ASP A 96 13.26 -7.91 -17.13
C ASP A 96 13.97 -9.26 -17.12
N LEU A 97 14.84 -9.45 -16.13
CA LEU A 97 15.52 -10.71 -15.92
C LEU A 97 15.01 -11.35 -14.64
N ASN A 98 14.97 -12.69 -14.61
CA ASN A 98 14.51 -13.40 -13.44
C ASN A 98 15.65 -13.65 -12.46
N ASP A 99 16.19 -12.56 -11.92
CA ASP A 99 17.35 -12.64 -11.03
C ASP A 99 16.97 -12.56 -9.55
N ASN A 100 15.70 -12.26 -9.28
CA ASN A 100 15.23 -12.16 -7.90
C ASN A 100 14.47 -13.40 -7.46
N SER A 101 14.77 -13.89 -6.26
CA SER A 101 14.07 -15.05 -5.71
C SER A 101 12.99 -14.60 -4.72
N PRO A 102 11.88 -15.36 -4.65
CA PRO A 102 10.79 -15.09 -3.71
C PRO A 102 11.28 -15.04 -2.26
N SER A 103 10.88 -14.02 -1.52
CA SER A 103 11.38 -13.81 -0.16
C SER A 103 10.27 -13.69 0.87
N PHE A 104 10.55 -14.16 2.09
CA PHE A 104 9.63 -14.03 3.20
C PHE A 104 10.20 -13.05 4.22
N ALA A 105 9.31 -12.36 4.95
CA ALA A 105 9.73 -11.43 5.99
C ALA A 105 10.59 -12.12 7.05
N THR A 106 10.20 -13.35 7.39
CA THR A 106 10.93 -14.14 8.38
C THR A 106 10.99 -15.60 7.94
N PRO A 107 12.15 -16.25 8.10
CA PRO A 107 12.34 -17.65 7.71
C PRO A 107 11.46 -18.62 8.50
N ASP A 108 11.30 -18.38 9.79
CA ASP A 108 10.45 -19.23 10.62
C ASP A 108 9.32 -18.43 11.27
N ARG A 109 8.13 -19.03 11.32
CA ARG A 109 6.97 -18.39 11.91
C ARG A 109 6.28 -19.32 12.90
N GLU A 110 5.77 -18.74 13.98
CA GLU A 110 5.01 -19.51 14.96
C GLU A 110 3.55 -19.07 14.97
N MET A 111 2.64 -20.03 14.85
CA MET A 111 1.22 -19.74 14.89
C MET A 111 0.54 -20.45 16.05
N ARG A 112 -0.18 -19.69 16.86
CA ARG A 112 -0.92 -20.28 17.97
C ARG A 112 -2.39 -20.36 17.64
N ILE A 113 -2.90 -21.58 17.60
CA ILE A 113 -4.29 -21.84 17.26
C ILE A 113 -4.98 -22.60 18.39
N SER A 114 -6.17 -22.14 18.76
CA SER A 114 -6.95 -22.78 19.81
C SER A 114 -7.34 -24.19 19.42
N GLU A 115 -7.33 -25.08 20.42
CA GLU A 115 -7.67 -26.48 20.22
C GLU A 115 -9.14 -26.67 19.83
N SER A 116 -9.96 -25.69 20.19
CA SER A 116 -11.39 -25.75 19.92
C SER A 116 -11.75 -25.17 18.55
N ALA A 117 -10.74 -24.87 17.75
CA ALA A 117 -10.97 -24.33 16.41
C ALA A 117 -11.72 -25.31 15.52
N ALA A 118 -12.88 -24.89 15.04
CA ALA A 118 -13.71 -25.75 14.19
C ALA A 118 -13.11 -25.88 12.79
N PRO A 119 -13.22 -27.08 12.20
CA PRO A 119 -12.76 -27.31 10.83
C PRO A 119 -13.42 -26.36 9.84
N GLY A 120 -12.65 -25.93 8.83
CA GLY A 120 -13.13 -24.97 7.86
C GLY A 120 -12.62 -23.58 8.19
N ALA A 121 -12.03 -23.43 9.37
CA ALA A 121 -11.45 -22.16 9.80
C ALA A 121 -10.29 -21.76 8.90
N ARG A 122 -10.18 -20.48 8.59
CA ARG A 122 -9.10 -19.99 7.74
C ARG A 122 -8.18 -19.05 8.51
N PHE A 123 -6.88 -19.25 8.34
CA PHE A 123 -5.88 -18.40 8.99
C PHE A 123 -4.94 -17.80 7.95
N PRO A 124 -4.93 -16.47 7.82
CA PRO A 124 -4.09 -15.82 6.81
C PRO A 124 -2.60 -16.08 7.03
N LEU A 125 -1.82 -16.01 5.95
CA LEU A 125 -0.39 -16.27 6.02
C LEU A 125 0.39 -15.11 5.42
N ASP A 126 1.60 -14.89 5.93
CA ASP A 126 2.47 -13.87 5.39
C ASP A 126 2.84 -14.20 3.95
N SER A 127 2.44 -13.33 3.02
CA SER A 127 2.74 -13.52 1.61
C SER A 127 4.21 -13.29 1.32
N ALA A 128 4.68 -13.84 0.21
CA ALA A 128 6.07 -13.65 -0.20
C ALA A 128 6.18 -12.54 -1.23
N GLN A 129 7.38 -11.98 -1.36
CA GLN A 129 7.62 -10.88 -2.29
C GLN A 129 8.65 -11.24 -3.34
N ASP A 130 8.50 -10.66 -4.53
CA ASP A 130 9.44 -10.89 -5.62
C ASP A 130 9.43 -9.70 -6.57
N PRO A 131 10.44 -8.82 -6.44
CA PRO A 131 10.53 -7.53 -7.14
C PRO A 131 10.58 -7.63 -8.66
N ASP A 132 10.69 -8.84 -9.20
CA ASP A 132 10.65 -9.03 -10.64
C ASP A 132 9.24 -8.76 -11.17
N VAL A 133 9.15 -8.48 -12.47
CA VAL A 133 7.87 -8.17 -13.10
C VAL A 133 7.42 -9.33 -13.98
N GLY A 134 6.15 -9.31 -14.38
CA GLY A 134 5.59 -10.34 -15.24
C GLY A 134 5.49 -11.68 -14.56
N THR A 135 5.78 -12.75 -15.29
CA THR A 135 5.72 -14.10 -14.74
C THR A 135 6.90 -14.36 -13.81
N ASN A 136 7.91 -13.50 -13.89
CA ASN A 136 9.11 -13.65 -13.09
C ASN A 136 8.90 -13.35 -11.61
N THR A 137 7.71 -12.89 -11.26
CA THR A 137 7.36 -12.66 -9.87
C THR A 137 6.71 -13.93 -9.31
N VAL A 138 6.28 -13.87 -8.05
CA VAL A 138 5.69 -15.04 -7.37
C VAL A 138 4.56 -15.66 -8.18
N SER A 139 4.69 -16.95 -8.50
CA SER A 139 3.73 -17.63 -9.35
C SER A 139 2.72 -18.45 -8.53
N PHE A 140 3.21 -19.21 -7.55
CA PHE A 140 2.32 -20.01 -6.73
C PHE A 140 2.94 -20.38 -5.38
N TYR A 141 2.08 -20.83 -4.45
CA TYR A 141 2.53 -21.31 -3.16
C TYR A 141 2.25 -22.80 -3.03
N THR A 142 3.06 -23.50 -2.25
CA THR A 142 2.84 -24.90 -1.94
C THR A 142 2.99 -25.16 -0.45
N LEU A 143 2.09 -25.97 0.10
CA LEU A 143 2.15 -26.31 1.51
C LEU A 143 2.56 -27.77 1.64
N SER A 144 3.48 -28.04 2.57
CA SER A 144 3.93 -29.41 2.79
C SER A 144 2.75 -30.29 3.21
N PRO A 145 2.76 -31.56 2.76
CA PRO A 145 1.70 -32.51 3.11
C PRO A 145 1.55 -32.69 4.62
N ASN A 146 0.33 -32.55 5.11
CA ASN A 146 0.06 -32.69 6.54
C ASN A 146 -1.37 -33.15 6.76
N SER A 147 -1.71 -33.49 7.99
CA SER A 147 -2.97 -34.17 8.29
C SER A 147 -4.11 -33.25 8.68
N HIS A 148 -3.81 -32.01 9.04
CA HIS A 148 -4.84 -31.12 9.58
C HIS A 148 -5.05 -29.85 8.76
N PHE A 149 -4.01 -29.38 8.09
CA PHE A 149 -4.10 -28.10 7.39
C PHE A 149 -4.03 -28.24 5.87
N SER A 150 -4.63 -27.26 5.18
CA SER A 150 -4.64 -27.21 3.73
C SER A 150 -4.26 -25.81 3.26
N LEU A 151 -3.87 -25.69 2.00
CA LEU A 151 -3.46 -24.40 1.44
C LEU A 151 -4.54 -23.80 0.54
N HIS A 152 -4.85 -22.53 0.75
CA HIS A 152 -5.80 -21.83 -0.11
C HIS A 152 -5.23 -20.50 -0.55
N VAL A 153 -4.92 -20.38 -1.84
CA VAL A 153 -4.39 -19.13 -2.39
C VAL A 153 -5.46 -18.43 -3.22
N LYS A 154 -5.75 -17.19 -2.83
CA LYS A 154 -6.79 -16.40 -3.48
C LYS A 154 -6.17 -15.26 -4.28
N THR A 155 -6.66 -15.06 -5.50
CA THR A 155 -6.14 -13.99 -6.35
C THR A 155 -6.78 -12.66 -5.99
N LEU A 156 -5.94 -11.64 -5.82
CA LEU A 156 -6.40 -10.30 -5.44
C LEU A 156 -6.51 -9.35 -6.62
N LYS A 157 -7.07 -8.17 -6.34
CA LYS A 157 -7.23 -7.12 -7.35
C LYS A 157 -5.89 -6.65 -7.91
N ASP A 158 -4.89 -6.59 -7.03
CA ASP A 158 -3.55 -6.18 -7.42
C ASP A 158 -2.88 -7.23 -8.29
N GLY A 159 -3.45 -8.44 -8.29
CA GLY A 159 -2.92 -9.55 -9.06
C GLY A 159 -2.00 -10.37 -8.17
N LYS A 160 -1.85 -9.90 -6.94
CA LYS A 160 -1.03 -10.57 -5.94
C LYS A 160 -1.74 -11.74 -5.30
N LEU A 161 -0.97 -12.78 -5.00
CA LEU A 161 -1.51 -13.99 -4.39
C LEU A 161 -1.65 -13.84 -2.89
N PHE A 162 -2.76 -14.31 -2.34
CA PHE A 162 -2.98 -14.28 -0.91
C PHE A 162 -3.19 -15.69 -0.38
N PRO A 163 -2.16 -16.25 0.27
CA PRO A 163 -2.20 -17.61 0.81
C PRO A 163 -2.76 -17.66 2.22
N GLU A 164 -3.47 -18.74 2.54
CA GLU A 164 -4.04 -18.91 3.87
C GLU A 164 -4.27 -20.39 4.20
N LEU A 165 -4.03 -20.74 5.45
CA LEU A 165 -4.28 -22.08 5.95
C LEU A 165 -5.77 -22.35 6.11
N VAL A 166 -6.18 -23.58 5.87
CA VAL A 166 -7.55 -24.00 6.08
C VAL A 166 -7.57 -25.27 6.93
N LEU A 167 -8.29 -25.23 8.05
CA LEU A 167 -8.33 -26.37 8.95
C LEU A 167 -9.19 -27.49 8.39
N GLU A 168 -8.59 -28.65 8.20
CA GLU A 168 -9.30 -29.80 7.63
C GLU A 168 -9.79 -30.77 8.70
N GLN A 169 -9.06 -30.87 9.80
CA GLN A 169 -9.43 -31.78 10.88
C GLN A 169 -9.37 -31.09 12.24
N GLN A 170 -10.21 -31.54 13.17
CA GLN A 170 -10.22 -31.02 14.52
C GLN A 170 -8.88 -31.25 15.20
N LEU A 171 -8.28 -30.17 15.70
CA LEU A 171 -6.99 -30.26 16.39
C LEU A 171 -7.15 -30.86 17.77
N ASP A 172 -6.12 -31.56 18.23
CA ASP A 172 -6.14 -32.16 19.57
C ASP A 172 -4.77 -32.03 20.22
N ARG A 173 -4.71 -31.19 21.25
CA ARG A 173 -3.46 -30.95 21.97
C ARG A 173 -2.98 -32.21 22.70
N GLU A 174 -3.91 -33.08 23.06
CA GLU A 174 -3.57 -34.28 23.82
C GLU A 174 -2.92 -35.36 22.97
N THR A 175 -2.90 -35.16 21.65
CA THR A 175 -2.19 -36.07 20.75
C THR A 175 -0.87 -35.46 20.32
N GLN A 176 -0.94 -34.30 19.67
CA GLN A 176 0.26 -33.55 19.31
C GLN A 176 0.07 -32.06 19.54
N ALA A 177 0.92 -31.49 20.40
CA ALA A 177 0.82 -30.08 20.78
C ALA A 177 1.34 -29.15 19.68
N ARG A 178 2.17 -29.71 18.79
CA ARG A 178 2.78 -28.93 17.71
C ARG A 178 2.59 -29.55 16.34
N HIS A 179 2.47 -28.69 15.33
CA HIS A 179 2.47 -29.12 13.93
C HIS A 179 3.52 -28.30 13.21
N GLN A 180 4.23 -28.92 12.27
CA GLN A 180 5.21 -28.15 11.51
C GLN A 180 4.92 -28.22 10.02
N LEU A 181 4.85 -27.05 9.39
CA LEU A 181 4.51 -26.96 7.98
C LEU A 181 5.60 -26.17 7.25
N VAL A 182 5.78 -26.49 5.97
CA VAL A 182 6.73 -25.76 5.14
C VAL A 182 6.03 -25.05 4.00
N LEU A 183 5.94 -23.73 4.10
CA LEU A 183 5.31 -22.94 3.04
C LEU A 183 6.35 -22.50 2.02
N THR A 184 6.15 -22.89 0.77
CA THR A 184 7.12 -22.58 -0.28
C THR A 184 6.53 -21.69 -1.37
N ALA A 185 7.14 -20.53 -1.56
CA ALA A 185 6.74 -19.62 -2.62
C ALA A 185 7.64 -19.79 -3.83
N VAL A 186 7.03 -20.02 -4.99
CA VAL A 186 7.77 -20.25 -6.23
C VAL A 186 7.33 -19.29 -7.33
N ASP A 187 8.30 -18.72 -8.04
CA ASP A 187 8.01 -17.81 -9.15
C ASP A 187 7.81 -18.59 -10.44
N GLY A 188 7.55 -17.87 -11.53
CA GLY A 188 7.28 -18.50 -12.81
C GLY A 188 8.40 -18.35 -13.81
N GLY A 189 9.62 -18.66 -13.38
CA GLY A 189 10.78 -18.58 -14.25
C GLY A 189 11.28 -19.96 -14.66
N THR A 190 12.23 -19.99 -15.59
CA THR A 190 12.83 -21.24 -16.02
C THR A 190 14.36 -21.12 -16.05
N PRO A 191 15.04 -21.71 -15.05
CA PRO A 191 14.49 -22.48 -13.94
C PRO A 191 13.80 -21.61 -12.89
N ALA A 192 12.81 -22.18 -12.21
CA ALA A 192 12.06 -21.44 -11.20
C ALA A 192 12.87 -21.22 -9.93
N ARG A 193 12.68 -20.06 -9.31
CA ARG A 193 13.35 -19.73 -8.07
C ARG A 193 12.32 -19.76 -6.94
N SER A 194 12.77 -19.96 -5.70
CA SER A 194 11.82 -20.15 -4.61
C SER A 194 12.34 -19.72 -3.25
N GLY A 195 11.42 -19.60 -2.29
CA GLY A 195 11.77 -19.28 -0.91
C GLY A 195 10.85 -20.00 0.04
N THR A 196 11.33 -20.24 1.27
CA THR A 196 10.56 -21.01 2.24
C THR A 196 10.30 -20.26 3.53
N SER A 197 9.18 -20.60 4.17
CA SER A 197 8.88 -20.14 5.51
C SER A 197 8.41 -21.34 6.33
N LEU A 198 9.05 -21.55 7.49
CA LEU A 198 8.71 -22.68 8.33
C LEU A 198 7.70 -22.25 9.38
N ILE A 199 6.50 -22.84 9.31
CA ILE A 199 5.42 -22.48 10.22
C ILE A 199 5.28 -23.50 11.33
N SER A 200 5.35 -23.03 12.58
CA SER A 200 5.15 -23.89 13.73
C SER A 200 3.81 -23.60 14.38
N VAL A 201 2.86 -24.49 14.17
CA VAL A 201 1.52 -24.34 14.74
C VAL A 201 1.49 -24.88 16.16
N ILE A 202 1.30 -23.97 17.11
CA ILE A 202 1.17 -24.32 18.52
C ILE A 202 -0.29 -24.47 18.89
N VAL A 203 -0.69 -25.67 19.31
CA VAL A 203 -2.07 -25.91 19.71
C VAL A 203 -2.31 -25.49 21.16
N LEU A 204 -3.04 -24.40 21.35
CA LEU A 204 -3.35 -23.88 22.68
C LEU A 204 -4.38 -24.76 23.37
N ASP A 205 -4.17 -25.04 24.65
CA ASP A 205 -5.05 -25.94 25.39
C ASP A 205 -6.45 -25.38 25.60
N VAL A 206 -7.43 -26.26 25.43
CA VAL A 206 -8.82 -25.94 25.73
C VAL A 206 -9.38 -27.04 26.62
N ASN A 207 -10.15 -26.67 27.64
CA ASN A 207 -10.74 -27.65 28.54
C ASN A 207 -11.82 -28.47 27.84
N ASP A 208 -11.38 -29.39 26.99
CA ASP A 208 -12.32 -30.23 26.24
C ASP A 208 -12.38 -31.64 26.79
N ASN A 209 -11.64 -31.90 27.87
CA ASN A 209 -11.61 -33.22 28.47
C ASN A 209 -12.13 -33.22 29.90
N ALA A 210 -12.95 -34.21 30.23
CA ALA A 210 -13.50 -34.36 31.56
C ALA A 210 -12.69 -35.38 32.36
N PRO A 211 -12.62 -35.21 33.69
CA PRO A 211 -11.92 -36.17 34.55
C PRO A 211 -12.52 -37.57 34.43
N THR A 212 -11.69 -38.59 34.55
CA THR A 212 -12.15 -39.96 34.42
C THR A 212 -11.58 -40.85 35.52
N PHE A 213 -12.46 -41.54 36.23
CA PHE A 213 -12.05 -42.44 37.31
C PHE A 213 -11.45 -43.71 36.75
N GLN A 214 -10.53 -44.31 37.50
CA GLN A 214 -9.85 -45.53 37.09
C GLN A 214 -10.85 -46.67 36.86
N SER A 215 -11.94 -46.64 37.62
CA SER A 215 -13.00 -47.62 37.45
C SER A 215 -14.37 -46.93 37.44
N SER A 216 -15.15 -47.20 36.40
CA SER A 216 -16.48 -46.61 36.27
C SER A 216 -17.39 -47.06 37.41
N VAL A 217 -17.22 -48.30 37.84
CA VAL A 217 -17.98 -48.86 38.96
C VAL A 217 -17.04 -49.58 39.93
N LEU A 218 -17.14 -49.23 41.21
CA LEU A 218 -16.33 -49.85 42.24
C LEU A 218 -17.20 -50.53 43.29
N ARG A 219 -16.79 -51.71 43.74
CA ARG A 219 -17.52 -52.42 44.77
C ARG A 219 -16.61 -52.94 45.88
N VAL A 220 -16.85 -52.47 47.10
CA VAL A 220 -16.05 -52.87 48.25
C VAL A 220 -16.93 -53.39 49.39
N GLY A 221 -16.33 -54.20 50.26
CA GLY A 221 -17.04 -54.75 51.41
C GLY A 221 -16.32 -54.48 52.71
N LEU A 222 -17.03 -53.97 53.70
CA LEU A 222 -16.44 -53.67 54.99
C LEU A 222 -17.16 -54.40 56.13
N PRO A 223 -16.39 -54.81 57.16
CA PRO A 223 -16.97 -55.46 58.34
C PRO A 223 -17.96 -54.55 59.07
N GLU A 224 -18.81 -55.15 59.90
CA GLU A 224 -19.82 -54.38 60.62
C GLU A 224 -19.24 -53.65 61.83
N ASN A 225 -18.07 -54.08 62.28
CA ASN A 225 -17.44 -53.48 63.45
C ASN A 225 -16.43 -52.39 63.12
N THR A 226 -16.43 -51.92 61.88
CA THR A 226 -15.50 -50.88 61.45
C THR A 226 -15.70 -49.57 62.22
N PRO A 227 -14.66 -49.12 62.92
CA PRO A 227 -14.66 -47.89 63.73
C PRO A 227 -14.48 -46.65 62.86
N PRO A 228 -14.92 -45.48 63.35
CA PRO A 228 -14.75 -44.23 62.60
C PRO A 228 -13.28 -43.92 62.31
N GLY A 229 -13.02 -43.31 61.16
CA GLY A 229 -11.66 -42.97 60.77
C GLY A 229 -11.00 -44.05 59.93
N THR A 230 -11.70 -45.16 59.73
CA THR A 230 -11.18 -46.28 58.96
C THR A 230 -11.16 -45.93 57.47
N LEU A 231 -10.07 -46.30 56.79
CA LEU A 231 -9.92 -46.02 55.37
C LEU A 231 -10.68 -47.00 54.49
N LEU A 232 -11.72 -46.51 53.83
CA LEU A 232 -12.50 -47.34 52.91
C LEU A 232 -11.73 -47.57 51.61
N LEU A 233 -11.47 -46.47 50.90
CA LEU A 233 -10.73 -46.52 49.64
C LEU A 233 -10.32 -45.11 49.21
N ARG A 234 -9.38 -45.04 48.26
CA ARG A 234 -8.97 -43.76 47.71
C ARG A 234 -9.27 -43.69 46.21
N LEU A 235 -9.90 -42.61 45.78
CA LEU A 235 -10.27 -42.43 44.38
C LEU A 235 -9.09 -41.97 43.54
N ASN A 236 -9.08 -42.37 42.27
CA ASN A 236 -8.00 -42.02 41.35
C ASN A 236 -8.53 -41.55 40.00
N ALA A 237 -8.78 -40.24 39.88
CA ALA A 237 -9.24 -39.65 38.63
C ALA A 237 -8.12 -38.87 37.95
N THR A 238 -8.12 -38.89 36.62
CA THR A 238 -7.08 -38.21 35.85
C THR A 238 -7.66 -37.27 34.78
N ASP A 239 -6.92 -36.21 34.49
CA ASP A 239 -7.31 -35.26 33.45
C ASP A 239 -6.11 -34.93 32.55
N PRO A 240 -6.25 -35.17 31.24
CA PRO A 240 -5.17 -34.96 30.28
C PRO A 240 -4.91 -33.50 29.91
N ASP A 241 -5.82 -32.61 30.30
CA ASP A 241 -5.68 -31.19 29.97
C ASP A 241 -4.52 -30.54 30.73
N GLU A 242 -4.24 -29.28 30.38
CA GLU A 242 -3.08 -28.57 30.90
C GLU A 242 -3.45 -27.56 31.99
N GLY A 243 -2.63 -27.50 33.03
CA GLY A 243 -2.80 -26.52 34.10
C GLY A 243 -4.03 -26.74 34.96
N THR A 244 -4.77 -25.66 35.20
CA THR A 244 -5.97 -25.72 36.02
C THR A 244 -7.04 -26.59 35.37
N ASN A 245 -6.97 -26.72 34.05
CA ASN A 245 -7.89 -27.56 33.32
C ASN A 245 -7.63 -29.05 33.55
N GLY A 246 -6.50 -29.36 34.18
CA GLY A 246 -6.14 -30.75 34.45
C GLY A 246 -6.16 -31.12 35.93
N GLN A 247 -6.46 -30.14 36.78
CA GLN A 247 -6.55 -30.39 38.21
C GLN A 247 -8.01 -30.53 38.63
N LEU A 248 -8.28 -31.38 39.61
CA LEU A 248 -9.65 -31.72 39.95
C LEU A 248 -9.92 -31.78 41.46
N ASP A 249 -11.20 -31.68 41.81
CA ASP A 249 -11.65 -31.76 43.20
C ASP A 249 -12.76 -32.78 43.36
N TYR A 250 -12.59 -33.70 44.32
CA TYR A 250 -13.60 -34.74 44.55
C TYR A 250 -14.75 -34.23 45.41
N SER A 251 -15.95 -34.78 45.18
CA SER A 251 -17.13 -34.42 45.94
C SER A 251 -18.25 -35.44 45.74
N PHE A 252 -19.23 -35.44 46.64
CA PHE A 252 -20.40 -36.29 46.50
C PHE A 252 -21.32 -35.79 45.39
N GLY A 253 -22.24 -36.65 44.95
CA GLY A 253 -23.23 -36.26 43.97
C GLY A 253 -24.24 -35.31 44.58
N ASP A 254 -24.93 -34.56 43.72
CA ASP A 254 -25.94 -33.61 44.19
C ASP A 254 -27.12 -34.33 44.85
N HIS A 255 -27.45 -35.51 44.35
CA HIS A 255 -28.60 -36.26 44.83
C HIS A 255 -28.24 -37.23 45.94
N THR A 256 -27.02 -37.13 46.45
CA THR A 256 -26.56 -37.99 47.53
C THR A 256 -27.39 -37.77 48.80
N SER A 257 -27.89 -38.87 49.37
CA SER A 257 -28.72 -38.80 50.57
C SER A 257 -27.92 -38.29 51.76
N GLU A 258 -28.63 -37.77 52.76
CA GLU A 258 -28.00 -37.26 53.97
C GLU A 258 -27.45 -38.37 54.85
N THR A 259 -28.04 -39.56 54.72
CA THR A 259 -27.58 -40.73 55.47
C THR A 259 -26.15 -41.09 55.09
N VAL A 260 -25.88 -41.13 53.79
CA VAL A 260 -24.54 -41.42 53.29
C VAL A 260 -23.57 -40.30 53.65
N LYS A 261 -24.04 -39.06 53.55
CA LYS A 261 -23.23 -37.89 53.85
C LYS A 261 -22.81 -37.88 55.31
N ASN A 262 -23.69 -38.38 56.18
CA ASN A 262 -23.40 -38.46 57.61
C ASN A 262 -22.54 -39.67 57.94
N LEU A 263 -22.73 -40.74 57.17
CA LEU A 263 -21.97 -41.97 57.40
C LEU A 263 -20.54 -41.86 56.88
N PHE A 264 -20.40 -41.45 55.61
CA PHE A 264 -19.09 -41.34 54.99
C PHE A 264 -18.69 -39.88 54.75
N GLY A 265 -17.39 -39.66 54.61
CA GLY A 265 -16.85 -38.35 54.30
C GLY A 265 -15.65 -38.47 53.40
N LEU A 266 -15.55 -37.61 52.40
CA LEU A 266 -14.44 -37.68 51.45
C LEU A 266 -13.60 -36.40 51.46
N ASP A 267 -12.29 -36.56 51.31
CA ASP A 267 -11.38 -35.42 51.18
C ASP A 267 -11.37 -34.96 49.72
N PRO A 268 -11.78 -33.71 49.48
CA PRO A 268 -11.85 -33.12 48.15
C PRO A 268 -10.50 -33.04 47.41
N SER A 269 -9.41 -33.34 48.11
CA SER A 269 -8.08 -33.27 47.52
C SER A 269 -7.49 -34.65 47.23
N SER A 270 -7.32 -35.46 48.27
CA SER A 270 -6.69 -36.76 48.14
C SER A 270 -7.66 -37.80 47.57
N GLY A 271 -8.95 -37.55 47.74
CA GLY A 271 -9.97 -38.46 47.25
C GLY A 271 -10.13 -39.68 48.13
N ALA A 272 -9.59 -39.60 49.35
CA ALA A 272 -9.71 -40.69 50.31
C ALA A 272 -11.04 -40.61 51.04
N ILE A 273 -11.78 -41.71 51.04
CA ILE A 273 -13.07 -41.76 51.70
C ILE A 273 -12.99 -42.51 53.04
N HIS A 274 -13.42 -41.84 54.10
CA HIS A 274 -13.39 -42.43 55.43
C HIS A 274 -14.80 -42.53 56.01
N VAL A 275 -15.04 -43.59 56.78
CA VAL A 275 -16.32 -43.80 57.43
C VAL A 275 -16.40 -43.05 58.76
N LEU A 276 -17.41 -42.18 58.90
CA LEU A 276 -17.54 -41.33 60.06
C LEU A 276 -18.40 -41.97 61.15
N GLY A 277 -19.52 -42.56 60.75
CA GLY A 277 -20.46 -43.14 61.70
C GLY A 277 -20.33 -44.65 61.85
N PRO A 278 -21.20 -45.25 62.67
CA PRO A 278 -21.24 -46.69 62.88
C PRO A 278 -22.08 -47.41 61.82
N VAL A 279 -21.65 -48.61 61.43
CA VAL A 279 -22.39 -49.38 60.42
C VAL A 279 -22.88 -50.71 60.98
N ASP A 280 -24.10 -51.08 60.62
CA ASP A 280 -24.66 -52.35 61.05
C ASP A 280 -25.53 -52.97 59.96
N PHE A 281 -25.64 -54.29 59.97
CA PHE A 281 -26.45 -55.00 58.98
C PHE A 281 -27.93 -54.73 59.21
N GLU A 282 -28.26 -54.34 60.43
CA GLU A 282 -29.63 -54.06 60.83
C GLU A 282 -30.13 -52.83 60.07
N GLU A 283 -29.29 -51.80 60.05
CA GLU A 283 -29.63 -50.54 59.42
C GLU A 283 -29.82 -50.72 57.92
N SER A 284 -28.76 -51.15 57.24
CA SER A 284 -28.79 -51.36 55.80
C SER A 284 -27.65 -52.27 55.38
N ASN A 285 -27.95 -53.24 54.52
CA ASN A 285 -26.94 -54.17 54.04
C ASN A 285 -26.09 -53.57 52.92
N PHE A 286 -26.68 -52.61 52.21
CA PHE A 286 -26.06 -52.08 51.00
C PHE A 286 -26.11 -50.55 50.96
N TYR A 287 -24.98 -49.94 50.63
CA TYR A 287 -24.91 -48.50 50.43
C TYR A 287 -24.29 -48.19 49.08
N GLU A 288 -24.90 -47.27 48.32
CA GLU A 288 -24.36 -46.91 47.02
C GLU A 288 -23.96 -45.44 46.97
N ILE A 289 -22.65 -45.19 46.95
CA ILE A 289 -22.12 -43.83 46.94
C ILE A 289 -21.85 -43.32 45.52
N HIS A 290 -22.21 -42.07 45.26
CA HIS A 290 -21.96 -41.45 43.97
C HIS A 290 -20.81 -40.46 44.04
N ALA A 291 -19.63 -40.88 43.57
CA ALA A 291 -18.44 -40.04 43.58
C ALA A 291 -18.41 -39.14 42.34
N ARG A 292 -17.81 -37.96 42.48
CA ARG A 292 -17.77 -36.99 41.39
C ARG A 292 -16.48 -36.18 41.40
N ALA A 293 -15.77 -36.20 40.28
CA ALA A 293 -14.54 -35.42 40.15
C ALA A 293 -14.80 -34.18 39.28
N ARG A 294 -14.68 -33.01 39.90
CA ARG A 294 -14.97 -31.76 39.21
C ARG A 294 -13.70 -31.06 38.73
N ASP A 295 -13.75 -30.55 37.50
CA ASP A 295 -12.58 -29.89 36.90
C ASP A 295 -12.46 -28.44 37.37
N GLN A 296 -11.22 -27.97 37.49
CA GLN A 296 -10.95 -26.59 37.91
C GLN A 296 -10.81 -25.67 36.71
N GLY A 297 -11.53 -25.98 35.64
CA GLY A 297 -11.43 -25.21 34.41
C GLY A 297 -12.60 -24.26 34.19
N GLN A 298 -12.79 -23.88 32.93
CA GLN A 298 -13.85 -22.96 32.55
C GLN A 298 -14.17 -23.14 31.06
N PRO A 299 -15.33 -23.74 30.76
CA PRO A 299 -16.33 -24.26 31.70
C PRO A 299 -15.84 -25.49 32.45
N ALA A 300 -16.49 -25.83 33.54
CA ALA A 300 -16.04 -26.94 34.37
C ALA A 300 -16.52 -28.27 33.81
N MET A 301 -15.62 -29.24 33.77
CA MET A 301 -15.97 -30.59 33.37
C MET A 301 -16.06 -31.46 34.62
N GLU A 302 -16.75 -32.60 34.51
CA GLU A 302 -16.86 -33.49 35.65
C GLU A 302 -17.03 -34.95 35.25
N GLY A 303 -16.39 -35.84 36.01
CA GLY A 303 -16.51 -37.27 35.79
C GLY A 303 -17.22 -37.91 36.95
N HIS A 304 -17.85 -39.06 36.71
CA HIS A 304 -18.67 -39.69 37.72
C HIS A 304 -18.25 -41.13 38.00
N CYS A 305 -18.31 -41.51 39.27
CA CYS A 305 -17.97 -42.86 39.70
C CYS A 305 -19.06 -43.41 40.61
N VAL A 306 -19.21 -44.73 40.63
CA VAL A 306 -20.18 -45.36 41.51
C VAL A 306 -19.51 -46.39 42.41
N ILE A 307 -19.62 -46.18 43.72
CA ILE A 307 -19.02 -47.08 44.70
C ILE A 307 -20.10 -47.91 45.39
N GLN A 308 -19.87 -49.23 45.43
CA GLN A 308 -20.83 -50.15 46.03
C GLN A 308 -20.28 -50.73 47.32
N VAL A 309 -20.98 -50.45 48.42
CA VAL A 309 -20.57 -50.85 49.75
C VAL A 309 -21.47 -51.94 50.34
N ASP A 310 -20.87 -53.10 50.62
CA ASP A 310 -21.59 -54.23 51.20
C ASP A 310 -21.20 -54.43 52.67
N VAL A 311 -22.19 -54.40 53.55
CA VAL A 311 -21.95 -54.45 54.99
C VAL A 311 -22.19 -55.84 55.58
N GLY A 312 -21.27 -56.29 56.44
CA GLY A 312 -21.38 -57.58 57.09
C GLY A 312 -22.46 -57.62 58.16
N ASP A 313 -22.69 -58.80 58.73
CA ASP A 313 -23.76 -59.00 59.69
C ASP A 313 -23.33 -58.77 61.13
N ALA A 314 -24.28 -58.46 61.99
CA ALA A 314 -24.02 -58.28 63.41
C ALA A 314 -24.01 -59.62 64.13
N ASN A 315 -23.31 -59.68 65.26
CA ASN A 315 -23.18 -60.90 66.06
C ASN A 315 -22.71 -62.09 65.24
N GLN B 1 38.25 -31.55 5.68
CA GLN B 1 39.20 -32.16 4.73
C GLN B 1 39.51 -31.21 3.58
N LEU B 2 38.59 -31.14 2.62
CA LEU B 2 38.74 -30.20 1.51
C LEU B 2 37.72 -29.06 1.63
N ARG B 3 38.17 -27.84 1.38
CA ARG B 3 37.31 -26.67 1.45
C ARG B 3 37.42 -25.79 0.23
N TYR B 4 36.33 -25.67 -0.52
CA TYR B 4 36.30 -24.81 -1.71
C TYR B 4 35.17 -23.80 -1.59
N SER B 5 35.21 -22.80 -2.46
CA SER B 5 34.17 -21.78 -2.50
C SER B 5 33.81 -21.45 -3.95
N VAL B 6 32.56 -21.08 -4.17
CA VAL B 6 32.13 -20.68 -5.51
C VAL B 6 31.04 -19.63 -5.42
N VAL B 7 31.11 -18.64 -6.32
CA VAL B 7 30.16 -17.54 -6.32
C VAL B 7 28.80 -17.98 -6.87
N GLU B 8 27.74 -17.57 -6.16
CA GLU B 8 26.37 -17.83 -6.57
C GLU B 8 26.09 -17.38 -8.01
N GLU B 9 25.17 -18.07 -8.67
CA GLU B 9 24.69 -17.72 -10.01
C GLU B 9 25.78 -17.80 -11.08
N SER B 10 26.89 -18.45 -10.77
CA SER B 10 27.97 -18.62 -11.75
C SER B 10 27.55 -19.55 -12.88
N GLU B 11 27.94 -19.20 -14.10
CA GLU B 11 27.59 -19.98 -15.28
C GLU B 11 28.21 -21.37 -15.24
N PRO B 12 27.47 -22.38 -15.72
CA PRO B 12 27.95 -23.77 -15.74
C PRO B 12 29.27 -23.90 -16.50
N GLY B 13 30.21 -24.64 -15.91
CA GLY B 13 31.54 -24.76 -16.48
C GLY B 13 32.53 -23.93 -15.69
N THR B 14 32.02 -23.17 -14.73
CA THR B 14 32.87 -22.34 -13.87
C THR B 14 33.67 -23.23 -12.92
N LEU B 15 34.99 -22.98 -12.88
CA LEU B 15 35.89 -23.77 -12.04
C LEU B 15 35.58 -23.58 -10.55
N VAL B 16 35.56 -24.69 -9.81
CA VAL B 16 35.32 -24.63 -8.38
C VAL B 16 36.58 -25.01 -7.61
N GLY B 17 37.20 -26.12 -8.01
CA GLY B 17 38.44 -26.52 -7.37
C GLY B 17 39.10 -27.75 -7.97
N ASN B 18 40.41 -27.68 -8.14
CA ASN B 18 41.18 -28.79 -8.70
C ASN B 18 41.38 -29.89 -7.66
N VAL B 19 40.49 -30.87 -7.65
CA VAL B 19 40.54 -31.97 -6.68
C VAL B 19 41.77 -32.84 -6.88
N ALA B 20 42.04 -33.20 -8.14
CA ALA B 20 43.16 -34.07 -8.48
C ALA B 20 44.50 -33.50 -8.01
N GLN B 21 44.71 -32.22 -8.27
CA GLN B 21 45.94 -31.54 -7.86
C GLN B 21 46.07 -31.51 -6.35
N ASP B 22 44.95 -31.27 -5.67
CA ASP B 22 44.94 -31.19 -4.21
C ASP B 22 45.00 -32.56 -3.55
N LEU B 23 44.88 -33.61 -4.35
CA LEU B 23 44.93 -34.97 -3.82
C LEU B 23 46.24 -35.68 -4.18
N GLY B 24 46.98 -35.11 -5.12
CA GLY B 24 48.27 -35.66 -5.50
C GLY B 24 48.18 -36.63 -6.67
N LEU B 25 47.00 -36.69 -7.29
CA LEU B 25 46.78 -37.58 -8.42
C LEU B 25 47.21 -36.87 -9.72
N LYS B 26 47.87 -37.60 -10.60
CA LYS B 26 48.41 -37.00 -11.82
C LYS B 26 48.19 -37.84 -13.07
N GLY B 27 47.39 -37.30 -13.98
CA GLY B 27 47.18 -37.89 -15.30
C GLY B 27 46.48 -39.23 -15.31
N THR B 28 47.26 -40.30 -15.34
CA THR B 28 46.72 -41.65 -15.46
C THR B 28 46.06 -42.10 -14.16
N ASP B 29 46.62 -41.62 -13.05
CA ASP B 29 46.14 -41.96 -11.71
C ASP B 29 44.65 -41.72 -11.53
N LEU B 30 44.12 -40.73 -12.26
CA LEU B 30 42.70 -40.40 -12.18
C LEU B 30 41.84 -41.52 -12.74
N LEU B 31 42.28 -42.12 -13.84
CA LEU B 31 41.55 -43.20 -14.49
C LEU B 31 41.74 -44.52 -13.75
N SER B 32 42.99 -44.80 -13.35
CA SER B 32 43.33 -46.04 -12.68
C SER B 32 42.62 -46.19 -11.35
N ARG B 33 42.46 -45.09 -10.63
CA ARG B 33 41.84 -45.12 -9.31
C ARG B 33 40.36 -44.75 -9.36
N ARG B 34 39.87 -44.48 -10.57
CA ARG B 34 38.45 -44.19 -10.81
C ARG B 34 37.93 -43.03 -9.96
N LEU B 35 38.27 -41.81 -10.36
CA LEU B 35 37.85 -40.61 -9.66
C LEU B 35 36.35 -40.38 -9.83
N ARG B 36 35.62 -40.39 -8.71
CA ARG B 36 34.16 -40.27 -8.77
C ARG B 36 33.59 -39.26 -7.79
N LEU B 37 32.31 -38.95 -7.98
CA LEU B 37 31.54 -38.17 -7.02
C LEU B 37 30.70 -39.13 -6.17
N GLY B 38 30.35 -38.69 -4.96
CA GLY B 38 29.61 -39.52 -4.01
C GLY B 38 28.41 -40.26 -4.58
N SER B 39 27.38 -39.51 -4.97
CA SER B 39 26.17 -40.12 -5.52
C SER B 39 25.67 -39.34 -6.74
N GLU B 40 24.50 -39.71 -7.23
CA GLU B 40 23.89 -39.04 -8.38
C GLU B 40 23.45 -37.62 -7.98
N GLU B 41 23.16 -37.44 -6.70
CA GLU B 41 22.74 -36.15 -6.18
C GLU B 41 23.89 -35.15 -6.16
N ASN B 42 25.10 -35.67 -5.99
CA ASN B 42 26.30 -34.84 -5.96
C ASN B 42 26.53 -34.10 -7.27
N GLY B 43 26.25 -34.78 -8.38
CA GLY B 43 26.47 -34.22 -9.70
C GLY B 43 25.31 -33.39 -10.22
N ARG B 44 24.39 -33.03 -9.33
CA ARG B 44 23.25 -32.20 -9.70
C ARG B 44 23.70 -30.79 -10.06
N TYR B 45 24.59 -30.23 -9.25
CA TYR B 45 25.09 -28.88 -9.48
C TYR B 45 26.57 -28.87 -9.84
N PHE B 46 27.25 -29.99 -9.62
CA PHE B 46 28.68 -30.05 -9.86
C PHE B 46 29.07 -31.13 -10.87
N SER B 47 30.31 -31.06 -11.33
CA SER B 47 30.86 -32.04 -12.27
C SER B 47 32.36 -32.20 -12.04
N LEU B 48 32.80 -33.45 -11.94
CA LEU B 48 34.20 -33.75 -11.74
C LEU B 48 34.80 -34.43 -12.97
N SER B 49 35.81 -33.81 -13.56
CA SER B 49 36.39 -34.30 -14.80
C SER B 49 37.48 -35.35 -14.55
N LEU B 50 37.42 -36.44 -15.30
CA LEU B 50 38.45 -37.47 -15.24
C LEU B 50 39.67 -37.07 -16.06
N VAL B 51 39.48 -36.13 -16.97
CA VAL B 51 40.54 -35.67 -17.86
C VAL B 51 41.34 -34.53 -17.23
N SER B 52 40.65 -33.48 -16.82
CA SER B 52 41.30 -32.29 -16.27
C SER B 52 41.51 -32.42 -14.76
N GLY B 53 40.68 -33.22 -14.11
CA GLY B 53 40.76 -33.41 -12.67
C GLY B 53 40.21 -32.22 -11.91
N ALA B 54 39.48 -31.36 -12.62
CA ALA B 54 38.94 -30.15 -12.04
C ALA B 54 37.44 -30.28 -11.72
N LEU B 55 37.06 -29.88 -10.52
CA LEU B 55 35.66 -29.85 -10.11
C LEU B 55 35.04 -28.50 -10.46
N ALA B 56 33.96 -28.54 -11.23
CA ALA B 56 33.32 -27.32 -11.73
C ALA B 56 31.80 -27.33 -11.52
N VAL B 57 31.16 -26.21 -11.82
CA VAL B 57 29.72 -26.06 -11.69
C VAL B 57 28.96 -26.68 -12.87
N SER B 58 28.01 -27.56 -12.56
CA SER B 58 27.21 -28.20 -13.61
C SER B 58 25.96 -27.39 -13.93
N GLN B 59 25.25 -26.95 -12.89
CA GLN B 59 24.02 -26.18 -13.08
C GLN B 59 24.08 -24.88 -12.29
N LYS B 60 23.51 -23.82 -12.85
CA LYS B 60 23.48 -22.51 -12.21
C LYS B 60 22.80 -22.57 -10.84
N ILE B 61 23.55 -22.19 -9.80
CA ILE B 61 23.11 -22.34 -8.43
C ILE B 61 22.54 -21.03 -7.86
N ASP B 62 21.39 -21.12 -7.20
CA ASP B 62 20.79 -19.99 -6.52
C ASP B 62 20.84 -20.18 -5.01
N ARG B 63 21.67 -19.38 -4.34
CA ARG B 63 21.89 -19.52 -2.91
C ARG B 63 20.64 -19.22 -2.08
N GLU B 64 19.80 -18.32 -2.60
CA GLU B 64 18.55 -17.97 -1.92
C GLU B 64 17.56 -19.14 -1.89
N SER B 65 17.71 -20.07 -2.83
CA SER B 65 16.83 -21.23 -2.90
C SER B 65 17.31 -22.36 -1.99
N LEU B 66 18.62 -22.50 -1.87
CA LEU B 66 19.20 -23.62 -1.13
C LEU B 66 19.32 -23.33 0.37
N CYS B 67 19.95 -22.21 0.72
CA CYS B 67 20.21 -21.89 2.12
C CYS B 67 19.26 -20.83 2.66
N GLY B 68 18.58 -20.14 1.75
CA GLY B 68 17.65 -19.09 2.13
C GLY B 68 18.32 -17.92 2.83
N ALA B 69 18.12 -17.82 4.14
CA ALA B 69 18.66 -16.71 4.92
C ALA B 69 19.76 -17.17 5.86
N SER B 70 20.32 -18.35 5.61
CA SER B 70 21.41 -18.87 6.42
C SER B 70 22.67 -18.04 6.24
N THR B 71 23.42 -17.86 7.32
CA THR B 71 24.65 -17.08 7.28
C THR B 71 25.68 -17.74 6.37
N SER B 72 25.84 -19.06 6.51
CA SER B 72 26.79 -19.81 5.70
C SER B 72 26.10 -20.94 4.94
N CYS B 73 26.35 -21.02 3.65
CA CYS B 73 25.78 -22.08 2.82
C CYS B 73 26.85 -23.08 2.42
N LEU B 74 26.85 -24.23 3.09
CA LEU B 74 27.85 -25.26 2.83
C LEU B 74 27.25 -26.46 2.12
N LEU B 75 27.74 -26.72 0.90
CA LEU B 75 27.29 -27.86 0.12
C LEU B 75 28.33 -28.98 0.18
N PRO B 76 28.00 -30.06 0.91
CA PRO B 76 28.92 -31.19 1.08
C PRO B 76 28.83 -32.21 -0.05
N VAL B 77 30.00 -32.63 -0.55
CA VAL B 77 30.07 -33.68 -1.56
C VAL B 77 31.22 -34.64 -1.25
N GLN B 78 31.05 -35.90 -1.65
CA GLN B 78 32.04 -36.93 -1.38
C GLN B 78 32.79 -37.33 -2.64
N VAL B 79 34.11 -37.39 -2.55
CA VAL B 79 34.93 -37.82 -3.70
C VAL B 79 35.52 -39.21 -3.44
N VAL B 80 35.10 -40.18 -4.24
CA VAL B 80 35.50 -41.57 -4.05
C VAL B 80 36.64 -41.97 -4.98
N THR B 81 37.72 -42.48 -4.41
CA THR B 81 38.85 -42.98 -5.20
C THR B 81 39.18 -44.42 -4.81
N GLU B 82 39.18 -45.32 -5.78
CA GLU B 82 39.41 -46.73 -5.51
C GLU B 82 40.88 -47.11 -5.57
N HIS B 83 41.20 -48.28 -5.01
CA HIS B 83 42.56 -48.82 -5.01
C HIS B 83 43.60 -47.87 -4.42
N PRO B 84 43.58 -47.68 -3.09
CA PRO B 84 42.63 -48.26 -2.13
C PRO B 84 41.35 -47.44 -2.01
N LEU B 85 40.25 -48.09 -1.64
CA LEU B 85 38.96 -47.41 -1.56
C LEU B 85 38.94 -46.37 -0.44
N GLU B 86 39.01 -45.10 -0.82
CA GLU B 86 38.97 -44.01 0.14
C GLU B 86 38.02 -42.90 -0.31
N LEU B 87 37.26 -42.37 0.64
CA LEU B 87 36.36 -41.25 0.39
C LEU B 87 36.94 -39.96 0.95
N THR B 88 36.69 -38.86 0.27
CA THR B 88 37.21 -37.55 0.68
C THR B 88 36.08 -36.55 0.84
N ARG B 89 36.08 -35.84 1.96
CA ARG B 89 35.04 -34.85 2.24
C ARG B 89 35.37 -33.51 1.59
N VAL B 90 34.46 -33.03 0.75
CA VAL B 90 34.63 -31.75 0.08
C VAL B 90 33.50 -30.79 0.42
N GLU B 91 33.84 -29.67 1.03
CA GLU B 91 32.84 -28.68 1.42
C GLU B 91 32.89 -27.48 0.49
N VAL B 92 31.86 -27.34 -0.36
CA VAL B 92 31.81 -26.23 -1.28
C VAL B 92 30.86 -25.15 -0.78
N GLU B 93 31.44 -24.03 -0.35
CA GLU B 93 30.64 -22.93 0.17
C GLU B 93 30.13 -22.05 -0.96
N ILE B 94 28.82 -21.82 -0.98
CA ILE B 94 28.19 -20.96 -1.97
C ILE B 94 28.21 -19.51 -1.49
N LEU B 95 29.12 -18.73 -2.04
CA LEU B 95 29.27 -17.32 -1.64
C LEU B 95 28.10 -16.49 -2.12
N ASP B 96 27.57 -15.65 -1.24
CA ASP B 96 26.41 -14.84 -1.55
C ASP B 96 26.73 -13.75 -2.57
N LEU B 97 25.83 -13.57 -3.53
CA LEU B 97 25.95 -12.51 -4.52
C LEU B 97 24.83 -11.49 -4.30
N ASN B 98 25.11 -10.23 -4.58
CA ASN B 98 24.10 -9.18 -4.40
C ASN B 98 23.25 -9.01 -5.66
N ASP B 99 22.49 -10.06 -5.98
CA ASP B 99 21.68 -10.06 -7.19
C ASP B 99 20.21 -9.75 -6.89
N ASN B 100 19.86 -9.69 -5.61
CA ASN B 100 18.50 -9.37 -5.20
C ASN B 100 18.35 -7.93 -4.75
N SER B 101 17.30 -7.27 -5.23
CA SER B 101 17.02 -5.89 -4.86
C SER B 101 15.96 -5.80 -3.77
N PRO B 102 16.07 -4.80 -2.89
CA PRO B 102 15.10 -4.56 -1.83
C PRO B 102 13.68 -4.44 -2.37
N SER B 103 12.73 -5.13 -1.73
CA SER B 103 11.35 -5.16 -2.22
C SER B 103 10.35 -4.75 -1.14
N PHE B 104 9.26 -4.14 -1.57
CA PHE B 104 8.17 -3.78 -0.67
C PHE B 104 6.94 -4.63 -0.94
N ALA B 105 6.14 -4.86 0.10
CA ALA B 105 4.92 -5.63 -0.02
C ALA B 105 3.96 -5.04 -1.05
N THR B 106 3.86 -3.71 -1.06
CA THR B 106 2.99 -3.01 -2.01
C THR B 106 3.61 -1.72 -2.52
N PRO B 107 3.46 -1.45 -3.83
CA PRO B 107 4.00 -0.25 -4.47
C PRO B 107 3.35 1.02 -3.91
N ASP B 108 2.04 0.96 -3.65
CA ASP B 108 1.32 2.09 -3.10
C ASP B 108 0.70 1.75 -1.74
N ARG B 109 0.77 2.70 -0.82
CA ARG B 109 0.19 2.53 0.50
C ARG B 109 -0.62 3.76 0.89
N GLU B 110 -1.74 3.54 1.58
CA GLU B 110 -2.55 4.64 2.07
C GLU B 110 -2.53 4.70 3.59
N MET B 111 -2.23 5.88 4.12
CA MET B 111 -2.22 6.09 5.57
C MET B 111 -3.24 7.15 5.96
N ARG B 112 -4.12 6.81 6.90
CA ARG B 112 -5.11 7.77 7.37
C ARG B 112 -4.69 8.35 8.72
N ILE B 113 -4.41 9.66 8.73
CA ILE B 113 -3.99 10.34 9.94
C ILE B 113 -4.90 11.52 10.24
N SER B 114 -5.38 11.61 11.48
CA SER B 114 -6.22 12.73 11.91
C SER B 114 -5.43 14.03 11.87
N GLU B 115 -6.07 15.11 11.44
CA GLU B 115 -5.39 16.41 11.41
C GLU B 115 -5.07 16.89 12.82
N SER B 116 -5.78 16.36 13.81
CA SER B 116 -5.59 16.76 15.19
C SER B 116 -4.50 15.93 15.87
N ALA B 117 -3.80 15.12 15.07
CA ALA B 117 -2.69 14.32 15.58
C ALA B 117 -1.57 15.25 16.05
N ALA B 118 -1.18 15.12 17.31
CA ALA B 118 -0.16 15.98 17.88
C ALA B 118 1.21 15.63 17.31
N PRO B 119 2.05 16.66 17.07
CA PRO B 119 3.42 16.49 16.59
C PRO B 119 4.23 15.59 17.50
N GLY B 120 5.12 14.77 16.92
CA GLY B 120 5.89 13.82 17.67
C GLY B 120 5.29 12.42 17.58
N ALA B 121 4.09 12.35 17.02
CA ALA B 121 3.41 11.07 16.83
C ALA B 121 4.19 10.19 15.88
N ARG B 122 4.23 8.89 16.18
CA ARG B 122 4.95 7.94 15.35
C ARG B 122 4.00 6.95 14.68
N PHE B 123 4.22 6.72 13.39
CA PHE B 123 3.42 5.78 12.62
C PHE B 123 4.31 4.73 11.97
N PRO B 124 4.16 3.46 12.35
CA PRO B 124 5.01 2.40 11.82
C PRO B 124 4.87 2.22 10.31
N LEU B 125 5.92 1.73 9.67
CA LEU B 125 5.91 1.54 8.22
C LEU B 125 6.28 0.10 7.85
N ASP B 126 5.75 -0.37 6.73
CA ASP B 126 6.07 -1.68 6.21
C ASP B 126 7.55 -1.78 5.84
N SER B 127 8.27 -2.68 6.52
CA SER B 127 9.68 -2.88 6.25
C SER B 127 9.87 -3.54 4.89
N ALA B 128 11.05 -3.37 4.32
CA ALA B 128 11.36 -3.99 3.04
C ALA B 128 12.12 -5.29 3.24
N GLN B 129 12.09 -6.16 2.23
CA GLN B 129 12.75 -7.45 2.31
C GLN B 129 13.86 -7.57 1.28
N ASP B 130 14.88 -8.33 1.63
CA ASP B 130 16.00 -8.59 0.73
C ASP B 130 16.64 -9.92 1.10
N PRO B 131 16.33 -10.97 0.33
CA PRO B 131 16.72 -12.35 0.65
C PRO B 131 18.23 -12.58 0.71
N ASP B 132 19.03 -11.59 0.31
CA ASP B 132 20.47 -11.70 0.42
C ASP B 132 20.90 -11.66 1.89
N VAL B 133 22.09 -12.17 2.17
CA VAL B 133 22.61 -12.19 3.53
C VAL B 133 23.74 -11.18 3.71
N GLY B 134 24.11 -10.93 4.97
CA GLY B 134 25.19 -10.01 5.28
C GLY B 134 24.85 -8.57 4.95
N THR B 135 25.82 -7.85 4.42
CA THR B 135 25.61 -6.45 4.06
C THR B 135 24.76 -6.32 2.80
N ASN B 136 24.60 -7.42 2.07
CA ASN B 136 23.85 -7.42 0.83
C ASN B 136 22.34 -7.29 1.03
N THR B 137 21.90 -7.34 2.28
CA THR B 137 20.49 -7.14 2.59
C THR B 137 20.23 -5.66 2.84
N VAL B 138 18.98 -5.31 3.14
CA VAL B 138 18.56 -3.92 3.34
C VAL B 138 19.44 -3.20 4.37
N SER B 139 20.03 -2.08 3.95
CA SER B 139 20.95 -1.35 4.80
C SER B 139 20.31 -0.14 5.48
N PHE B 140 19.57 0.65 4.71
CA PHE B 140 18.92 1.84 5.27
C PHE B 140 17.75 2.32 4.44
N TYR B 141 16.93 3.20 5.02
CA TYR B 141 15.80 3.80 4.33
C TYR B 141 16.00 5.30 4.13
N THR B 142 15.40 5.84 3.08
CA THR B 142 15.40 7.28 2.83
C THR B 142 13.98 7.74 2.49
N LEU B 143 13.60 8.89 3.03
CA LEU B 143 12.27 9.44 2.78
C LEU B 143 12.31 10.67 1.89
N SER B 144 11.37 10.75 0.95
CA SER B 144 11.27 11.88 0.04
C SER B 144 11.03 13.18 0.81
N PRO B 145 11.59 14.29 0.32
CA PRO B 145 11.44 15.61 0.95
C PRO B 145 9.99 16.02 1.12
N ASN B 146 9.62 16.41 2.33
CA ASN B 146 8.26 16.85 2.63
C ASN B 146 8.22 17.83 3.79
N SER B 147 7.06 18.44 4.02
CA SER B 147 6.94 19.54 4.95
C SER B 147 6.48 19.15 6.36
N HIS B 148 5.90 17.96 6.50
CA HIS B 148 5.29 17.59 7.77
C HIS B 148 5.87 16.34 8.43
N PHE B 149 6.37 15.41 7.63
CA PHE B 149 6.80 14.11 8.17
C PHE B 149 8.31 13.92 8.12
N SER B 150 8.80 13.07 9.03
CA SER B 150 10.22 12.74 9.08
C SER B 150 10.38 11.23 9.16
N LEU B 151 11.56 10.73 8.83
CA LEU B 151 11.80 9.29 8.85
C LEU B 151 12.65 8.87 10.04
N HIS B 152 12.21 7.83 10.74
CA HIS B 152 12.97 7.30 11.87
C HIS B 152 13.11 5.78 11.76
N VAL B 153 14.32 5.32 11.49
CA VAL B 153 14.58 3.89 11.39
C VAL B 153 15.36 3.41 12.62
N LYS B 154 14.76 2.50 13.38
CA LYS B 154 15.39 1.98 14.58
C LYS B 154 15.80 0.52 14.45
N THR B 155 17.00 0.20 14.91
CA THR B 155 17.50 -1.17 14.86
C THR B 155 16.95 -1.98 16.02
N LEU B 156 16.53 -3.21 15.73
CA LEU B 156 15.95 -4.09 16.75
C LEU B 156 17.00 -5.03 17.33
N LYS B 157 16.61 -5.78 18.36
CA LYS B 157 17.54 -6.67 19.04
C LYS B 157 18.14 -7.73 18.10
N ASP B 158 17.32 -8.27 17.21
CA ASP B 158 17.79 -9.25 16.24
C ASP B 158 18.61 -8.58 15.14
N GLY B 159 18.56 -7.25 15.09
CA GLY B 159 19.27 -6.50 14.07
C GLY B 159 18.39 -6.09 12.90
N LYS B 160 17.10 -6.39 13.00
CA LYS B 160 16.14 -6.03 11.96
C LYS B 160 15.77 -4.55 12.04
N LEU B 161 15.62 -3.92 10.88
CA LEU B 161 15.29 -2.50 10.82
C LEU B 161 13.80 -2.24 10.94
N PHE B 162 13.42 -1.25 11.74
CA PHE B 162 12.04 -0.86 11.89
C PHE B 162 11.87 0.63 11.55
N PRO B 163 11.33 0.93 10.36
CA PRO B 163 11.13 2.31 9.91
C PRO B 163 9.77 2.86 10.34
N GLU B 164 9.71 4.15 10.62
CA GLU B 164 8.44 4.79 11.02
C GLU B 164 8.44 6.29 10.76
N LEU B 165 7.29 6.80 10.33
CA LEU B 165 7.09 8.23 10.14
C LEU B 165 6.92 8.94 11.48
N VAL B 166 7.42 10.18 11.54
CA VAL B 166 7.24 11.01 12.73
C VAL B 166 6.69 12.37 12.32
N LEU B 167 5.57 12.76 12.92
CA LEU B 167 4.93 14.03 12.58
C LEU B 167 5.71 15.20 13.17
N GLU B 168 6.16 16.10 12.30
CA GLU B 168 6.96 17.24 12.74
C GLU B 168 6.10 18.49 12.94
N GLN B 169 5.04 18.63 12.14
CA GLN B 169 4.16 19.78 12.23
C GLN B 169 2.70 19.38 12.25
N GLN B 170 1.89 20.19 12.92
CA GLN B 170 0.45 19.95 13.00
C GLN B 170 -0.19 19.96 11.61
N LEU B 171 -0.89 18.87 11.28
CA LEU B 171 -1.56 18.74 10.00
C LEU B 171 -2.81 19.61 9.93
N ASP B 172 -3.11 20.09 8.73
CA ASP B 172 -4.32 20.89 8.51
C ASP B 172 -4.94 20.52 7.18
N ARG B 173 -6.10 19.87 7.23
CA ARG B 173 -6.80 19.43 6.02
C ARG B 173 -7.26 20.62 5.19
N GLU B 174 -7.49 21.76 5.84
CA GLU B 174 -8.00 22.94 5.16
C GLU B 174 -6.94 23.65 4.33
N THR B 175 -5.68 23.26 4.50
CA THR B 175 -4.61 23.81 3.66
C THR B 175 -4.24 22.80 2.58
N GLN B 176 -3.80 21.62 3.00
CA GLN B 176 -3.58 20.51 2.07
C GLN B 176 -4.07 19.22 2.73
N ALA B 177 -5.05 18.59 2.10
CA ALA B 177 -5.68 17.39 2.64
C ALA B 177 -4.87 16.11 2.44
N ARG B 178 -3.97 16.09 1.48
CA ARG B 178 -3.21 14.87 1.22
C ARG B 178 -1.71 15.15 1.08
N HIS B 179 -0.89 14.20 1.52
CA HIS B 179 0.55 14.30 1.38
C HIS B 179 1.05 13.06 0.66
N GLN B 180 2.04 13.20 -0.21
CA GLN B 180 2.57 12.03 -0.90
C GLN B 180 4.08 11.90 -0.66
N LEU B 181 4.48 10.72 -0.22
CA LEU B 181 5.86 10.46 0.13
C LEU B 181 6.42 9.27 -0.64
N VAL B 182 7.73 9.26 -0.85
CA VAL B 182 8.39 8.14 -1.50
C VAL B 182 9.38 7.50 -0.54
N LEU B 183 9.03 6.33 -0.03
CA LEU B 183 9.90 5.60 0.88
C LEU B 183 10.82 4.67 0.09
N THR B 184 12.13 4.85 0.25
CA THR B 184 13.10 4.08 -0.51
C THR B 184 13.98 3.22 0.39
N ALA B 185 13.94 1.92 0.15
CA ALA B 185 14.80 0.98 0.87
C ALA B 185 16.04 0.66 0.03
N VAL B 186 17.21 0.82 0.64
CA VAL B 186 18.48 0.58 -0.04
C VAL B 186 19.35 -0.41 0.72
N ASP B 187 19.94 -1.37 0.00
CA ASP B 187 20.83 -2.37 0.61
C ASP B 187 22.26 -1.86 0.64
N GLY B 188 23.17 -2.69 1.15
CA GLY B 188 24.56 -2.30 1.30
C GLY B 188 25.50 -2.97 0.31
N GLY B 189 25.14 -2.91 -0.96
CA GLY B 189 25.96 -3.48 -2.02
C GLY B 189 26.68 -2.42 -2.83
N THR B 190 27.57 -2.85 -3.72
CA THR B 190 28.27 -1.94 -4.62
C THR B 190 28.21 -2.45 -6.06
N PRO B 191 27.38 -1.82 -6.90
CA PRO B 191 26.52 -0.66 -6.59
C PRO B 191 25.33 -1.03 -5.71
N ALA B 192 24.85 -0.07 -4.93
CA ALA B 192 23.73 -0.32 -4.02
C ALA B 192 22.44 -0.49 -4.81
N ARG B 193 21.60 -1.41 -4.35
CA ARG B 193 20.32 -1.65 -4.99
C ARG B 193 19.20 -1.14 -4.09
N SER B 194 18.05 -0.84 -4.69
CA SER B 194 16.97 -0.20 -3.95
C SER B 194 15.58 -0.50 -4.49
N GLY B 195 14.56 -0.22 -3.68
CA GLY B 195 13.18 -0.38 -4.06
C GLY B 195 12.33 0.70 -3.41
N THR B 196 11.19 1.02 -4.01
CA THR B 196 10.37 2.11 -3.49
C THR B 196 8.95 1.67 -3.14
N SER B 197 8.38 2.36 -2.16
CA SER B 197 6.98 2.25 -1.81
C SER B 197 6.42 3.66 -1.67
N LEU B 198 5.34 3.94 -2.38
CA LEU B 198 4.75 5.28 -2.37
C LEU B 198 3.63 5.36 -1.35
N ILE B 199 3.83 6.24 -0.35
CA ILE B 199 2.86 6.40 0.73
C ILE B 199 1.97 7.62 0.51
N SER B 200 0.66 7.39 0.50
CA SER B 200 -0.29 8.49 0.37
C SER B 200 -0.98 8.75 1.70
N VAL B 201 -0.57 9.82 2.38
CA VAL B 201 -1.12 10.19 3.66
C VAL B 201 -2.40 11.01 3.49
N ILE B 202 -3.51 10.43 3.90
CA ILE B 202 -4.79 11.12 3.89
C ILE B 202 -5.05 11.79 5.24
N VAL B 203 -5.17 13.12 5.22
CA VAL B 203 -5.44 13.86 6.45
C VAL B 203 -6.93 13.84 6.76
N LEU B 204 -7.30 13.12 7.82
CA LEU B 204 -8.69 12.97 8.22
C LEU B 204 -9.24 14.27 8.81
N ASP B 205 -10.45 14.62 8.38
CA ASP B 205 -11.08 15.87 8.80
C ASP B 205 -11.47 15.87 10.28
N VAL B 206 -11.22 17.00 10.93
CA VAL B 206 -11.68 17.23 12.30
C VAL B 206 -12.39 18.58 12.34
N ASN B 207 -13.52 18.65 13.05
CA ASN B 207 -14.27 19.89 13.15
C ASN B 207 -13.53 20.94 13.96
N ASP B 208 -12.51 21.56 13.36
CA ASP B 208 -11.71 22.57 14.05
C ASP B 208 -12.04 23.98 13.56
N ASN B 209 -13.01 24.07 12.64
CA ASN B 209 -13.40 25.37 12.09
C ASN B 209 -14.86 25.71 12.38
N ALA B 210 -15.10 26.97 12.75
CA ALA B 210 -16.44 27.45 13.01
C ALA B 210 -17.01 28.19 11.79
N PRO B 211 -18.33 28.15 11.62
CA PRO B 211 -19.01 28.86 10.51
C PRO B 211 -18.76 30.36 10.55
N THR B 212 -18.70 30.98 9.37
CA THR B 212 -18.44 32.41 9.27
C THR B 212 -19.39 33.07 8.28
N PHE B 213 -20.07 34.12 8.74
CA PHE B 213 -21.01 34.85 7.90
C PHE B 213 -20.28 35.76 6.90
N GLN B 214 -20.90 35.98 5.75
CA GLN B 214 -20.32 36.82 4.71
C GLN B 214 -20.11 38.24 5.22
N SER B 215 -20.98 38.67 6.12
CA SER B 215 -20.87 39.97 6.76
C SER B 215 -21.08 39.81 8.27
N SER B 216 -20.14 40.33 9.05
CA SER B 216 -20.23 40.25 10.50
C SER B 216 -21.45 41.02 11.00
N VAL B 217 -21.77 42.11 10.33
CA VAL B 217 -22.96 42.90 10.65
C VAL B 217 -23.73 43.22 9.39
N LEU B 218 -25.04 42.96 9.41
CA LEU B 218 -25.89 43.26 8.27
C LEU B 218 -26.97 44.25 8.68
N ARG B 219 -27.20 45.24 7.82
CA ARG B 219 -28.22 46.24 8.10
C ARG B 219 -29.09 46.52 6.87
N VAL B 220 -30.38 46.28 7.00
CA VAL B 220 -31.31 46.50 5.90
C VAL B 220 -32.44 47.42 6.33
N GLY B 221 -33.05 48.09 5.36
CA GLY B 221 -34.17 48.98 5.63
C GLY B 221 -35.38 48.63 4.81
N LEU B 222 -36.52 48.50 5.47
CA LEU B 222 -37.77 48.17 4.81
C LEU B 222 -38.83 49.23 5.07
N PRO B 223 -39.70 49.49 4.08
CA PRO B 223 -40.80 50.45 4.18
C PRO B 223 -41.79 50.10 5.29
N GLU B 224 -42.59 51.09 5.70
CA GLU B 224 -43.55 50.90 6.78
C GLU B 224 -44.75 50.08 6.32
N ASN B 225 -44.96 50.04 5.02
CA ASN B 225 -46.09 49.29 4.44
C ASN B 225 -45.69 47.89 3.97
N THR B 226 -44.52 47.42 4.43
CA THR B 226 -44.04 46.09 4.04
C THR B 226 -45.00 44.98 4.46
N PRO B 227 -45.51 44.22 3.48
CA PRO B 227 -46.48 43.15 3.69
C PRO B 227 -45.85 41.85 4.19
N PRO B 228 -46.64 41.02 4.89
CA PRO B 228 -46.21 39.70 5.39
C PRO B 228 -45.79 38.75 4.26
N GLY B 229 -44.79 37.91 4.54
CA GLY B 229 -44.33 36.95 3.56
C GLY B 229 -43.21 37.49 2.71
N THR B 230 -42.88 38.76 2.91
CA THR B 230 -41.82 39.41 2.14
C THR B 230 -40.44 38.93 2.60
N LEU B 231 -39.57 38.66 1.65
CA LEU B 231 -38.22 38.20 1.96
C LEU B 231 -37.35 39.38 2.38
N LEU B 232 -36.94 39.38 3.65
CA LEU B 232 -36.11 40.44 4.18
C LEU B 232 -34.69 40.32 3.65
N LEU B 233 -34.05 39.19 3.95
CA LEU B 233 -32.69 38.91 3.47
C LEU B 233 -32.37 37.44 3.70
N ARG B 234 -31.33 36.96 3.04
CA ARG B 234 -30.90 35.58 3.22
C ARG B 234 -29.49 35.53 3.78
N LEU B 235 -29.29 34.72 4.83
CA LEU B 235 -27.99 34.62 5.46
C LEU B 235 -27.06 33.73 4.64
N ASN B 236 -25.77 34.03 4.69
CA ASN B 236 -24.80 33.27 3.91
C ASN B 236 -23.57 32.93 4.74
N ALA B 237 -23.63 31.80 5.43
CA ALA B 237 -22.51 31.32 6.24
C ALA B 237 -21.79 30.16 5.56
N THR B 238 -20.48 30.08 5.74
CA THR B 238 -19.68 29.03 5.11
C THR B 238 -18.81 28.32 6.14
N ASP B 239 -18.53 27.05 5.87
CA ASP B 239 -17.66 26.25 6.73
C ASP B 239 -16.66 25.48 5.87
N PRO B 240 -15.36 25.67 6.12
CA PRO B 240 -14.31 25.06 5.31
C PRO B 240 -14.12 23.57 5.60
N ASP B 241 -14.71 23.08 6.68
CA ASP B 241 -14.58 21.68 7.05
C ASP B 241 -15.30 20.77 6.05
N GLU B 242 -15.11 19.47 6.20
CA GLU B 242 -15.63 18.50 5.24
C GLU B 242 -16.85 17.76 5.76
N GLY B 243 -17.84 17.57 4.90
CA GLY B 243 -19.02 16.79 5.24
C GLY B 243 -19.92 17.47 6.26
N THR B 244 -20.34 16.72 7.26
CA THR B 244 -21.23 17.23 8.30
C THR B 244 -20.55 18.31 9.13
N ASN B 245 -19.22 18.27 9.16
CA ASN B 245 -18.44 19.29 9.87
C ASN B 245 -18.48 20.62 9.12
N GLY B 246 -18.96 20.57 7.88
CA GLY B 246 -19.04 21.73 7.02
C GLY B 246 -20.48 22.14 6.76
N GLN B 247 -21.41 21.39 7.33
CA GLN B 247 -22.83 21.68 7.20
C GLN B 247 -23.32 22.45 8.41
N LEU B 248 -24.27 23.37 8.20
CA LEU B 248 -24.69 24.28 9.26
C LEU B 248 -26.19 24.50 9.30
N ASP B 249 -26.67 24.96 10.45
CA ASP B 249 -28.08 25.28 10.66
C ASP B 249 -28.23 26.70 11.20
N TYR B 250 -29.05 27.51 10.54
CA TYR B 250 -29.27 28.88 10.97
C TYR B 250 -30.30 28.95 12.08
N SER B 251 -30.16 29.93 12.97
CA SER B 251 -31.11 30.13 14.06
C SER B 251 -30.93 31.51 14.69
N PHE B 252 -31.95 31.95 15.44
CA PHE B 252 -31.84 33.20 16.19
C PHE B 252 -30.92 33.04 17.38
N GLY B 253 -30.50 34.15 17.96
CA GLY B 253 -29.69 34.12 19.16
C GLY B 253 -30.49 33.64 20.35
N ASP B 254 -29.80 33.17 21.38
CA ASP B 254 -30.46 32.66 22.57
C ASP B 254 -31.27 33.75 23.26
N HIS B 255 -30.76 34.97 23.18
CA HIS B 255 -31.38 36.10 23.87
C HIS B 255 -32.38 36.86 23.01
N THR B 256 -32.72 36.31 21.85
CA THR B 256 -33.66 36.94 20.94
C THR B 256 -35.03 37.07 21.58
N SER B 257 -35.58 38.28 21.54
CA SER B 257 -36.89 38.56 22.13
C SER B 257 -38.01 37.81 21.40
N GLU B 258 -39.14 37.65 22.09
CA GLU B 258 -40.29 36.96 21.51
C GLU B 258 -40.96 37.83 20.46
N THR B 259 -40.81 39.14 20.60
CA THR B 259 -41.35 40.09 19.64
C THR B 259 -40.69 39.89 18.28
N VAL B 260 -39.37 39.78 18.28
CA VAL B 260 -38.60 39.56 17.07
C VAL B 260 -38.93 38.20 16.47
N LYS B 261 -39.06 37.19 17.33
CA LYS B 261 -39.36 35.84 16.90
C LYS B 261 -40.75 35.77 16.25
N ASN B 262 -41.66 36.60 16.73
CA ASN B 262 -43.01 36.65 16.17
C ASN B 262 -43.07 37.47 14.89
N LEU B 263 -42.23 38.51 14.81
CA LEU B 263 -42.20 39.37 13.64
C LEU B 263 -41.47 38.73 12.47
N PHE B 264 -40.25 38.24 12.72
CA PHE B 264 -39.45 37.64 11.67
C PHE B 264 -39.33 36.13 11.88
N GLY B 265 -39.05 35.41 10.80
CA GLY B 265 -38.83 33.97 10.88
C GLY B 265 -37.79 33.50 9.89
N LEU B 266 -36.91 32.60 10.32
CA LEU B 266 -35.86 32.11 9.44
C LEU B 266 -35.96 30.61 9.22
N ASP B 267 -35.64 30.18 7.99
CA ASP B 267 -35.56 28.77 7.66
C ASP B 267 -34.18 28.26 8.07
N PRO B 268 -34.15 27.27 9.00
CA PRO B 268 -32.92 26.70 9.53
C PRO B 268 -32.02 26.07 8.47
N SER B 269 -32.51 25.96 7.24
CA SER B 269 -31.74 25.37 6.16
C SER B 269 -31.22 26.43 5.19
N SER B 270 -32.15 27.16 4.58
CA SER B 270 -31.78 28.16 3.57
C SER B 270 -31.26 29.45 4.18
N GLY B 271 -31.63 29.72 5.44
CA GLY B 271 -31.19 30.92 6.11
C GLY B 271 -31.94 32.14 5.64
N ALA B 272 -33.08 31.93 4.98
CA ALA B 272 -33.90 33.01 4.49
C ALA B 272 -34.81 33.55 5.60
N ILE B 273 -34.76 34.86 5.80
CA ILE B 273 -35.58 35.50 6.82
C ILE B 273 -36.75 36.24 6.19
N HIS B 274 -37.96 35.91 6.64
CA HIS B 274 -39.17 36.52 6.13
C HIS B 274 -39.91 37.25 7.25
N VAL B 275 -40.56 38.35 6.89
CA VAL B 275 -41.36 39.10 7.85
C VAL B 275 -42.76 38.49 7.91
N LEU B 276 -43.15 38.05 9.10
CA LEU B 276 -44.42 37.33 9.26
C LEU B 276 -45.58 38.24 9.61
N GLY B 277 -45.35 39.17 10.53
CA GLY B 277 -46.41 40.04 10.99
C GLY B 277 -46.34 41.41 10.33
N PRO B 278 -47.25 42.31 10.73
CA PRO B 278 -47.26 43.67 10.19
C PRO B 278 -46.28 44.57 10.93
N VAL B 279 -45.64 45.48 10.21
CA VAL B 279 -44.71 46.40 10.84
C VAL B 279 -45.22 47.83 10.66
N ASP B 280 -45.10 48.62 11.73
CA ASP B 280 -45.54 50.01 11.70
C ASP B 280 -44.61 50.88 12.52
N PHE B 281 -44.62 52.17 12.22
CA PHE B 281 -43.76 53.13 12.89
C PHE B 281 -44.12 53.32 14.37
N GLU B 282 -45.34 52.97 14.74
CA GLU B 282 -45.81 53.18 16.11
C GLU B 282 -45.08 52.31 17.13
N GLU B 283 -45.00 51.01 16.85
CA GLU B 283 -44.42 50.06 17.81
C GLU B 283 -42.92 50.28 18.04
N SER B 284 -42.12 50.13 16.98
CA SER B 284 -40.68 50.28 17.10
C SER B 284 -40.04 50.56 15.74
N ASN B 285 -39.13 51.53 15.71
CA ASN B 285 -38.42 51.88 14.49
C ASN B 285 -37.25 50.96 14.18
N PHE B 286 -36.68 50.36 15.22
CA PHE B 286 -35.44 49.62 15.08
C PHE B 286 -35.46 48.25 15.77
N TYR B 287 -34.97 47.23 15.07
CA TYR B 287 -34.84 45.89 15.63
C TYR B 287 -33.43 45.34 15.46
N GLU B 288 -32.88 44.75 16.52
CA GLU B 288 -31.57 44.13 16.41
C GLU B 288 -31.65 42.62 16.63
N ILE B 289 -31.50 41.89 15.54
CA ILE B 289 -31.55 40.44 15.55
C ILE B 289 -30.16 39.83 15.68
N HIS B 290 -30.02 38.79 16.50
CA HIS B 290 -28.75 38.10 16.64
C HIS B 290 -28.80 36.75 15.92
N ALA B 291 -28.18 36.69 14.75
CA ALA B 291 -28.15 35.47 13.96
C ALA B 291 -27.03 34.54 14.41
N ARG B 292 -27.25 33.24 14.25
CA ARG B 292 -26.31 32.23 14.72
C ARG B 292 -26.28 31.01 13.81
N ALA B 293 -25.09 30.66 13.32
CA ALA B 293 -24.90 29.48 12.50
C ALA B 293 -24.27 28.35 13.30
N ARG B 294 -25.01 27.26 13.48
CA ARG B 294 -24.57 26.14 14.29
C ARG B 294 -23.99 25.04 13.41
N ASP B 295 -22.85 24.48 13.82
CA ASP B 295 -22.20 23.43 13.05
C ASP B 295 -22.82 22.06 13.32
N GLN B 296 -22.86 21.22 12.29
CA GLN B 296 -23.41 19.88 12.42
C GLN B 296 -22.33 18.86 12.74
N GLY B 297 -21.31 19.29 13.47
CA GLY B 297 -20.20 18.42 13.81
C GLY B 297 -20.24 17.92 15.24
N GLN B 298 -19.08 17.50 15.74
CA GLN B 298 -18.96 16.97 17.10
C GLN B 298 -17.53 17.10 17.59
N PRO B 299 -17.27 18.05 18.50
CA PRO B 299 -18.21 19.00 19.10
C PRO B 299 -18.70 20.05 18.11
N ALA B 300 -19.80 20.73 18.45
CA ALA B 300 -20.40 21.70 17.55
C ALA B 300 -19.72 23.06 17.61
N MET B 301 -19.49 23.65 16.44
CA MET B 301 -18.96 24.99 16.35
C MET B 301 -20.08 25.96 16.00
N GLU B 302 -19.87 27.25 16.22
CA GLU B 302 -20.90 28.23 15.91
C GLU B 302 -20.34 29.60 15.54
N GLY B 303 -20.97 30.24 14.56
CA GLY B 303 -20.62 31.57 14.13
C GLY B 303 -21.74 32.54 14.44
N HIS B 304 -21.40 33.83 14.58
CA HIS B 304 -22.39 34.82 15.00
C HIS B 304 -22.49 35.99 14.03
N CYS B 305 -23.72 36.44 13.80
CA CYS B 305 -24.00 37.56 12.92
C CYS B 305 -24.95 38.54 13.61
N VAL B 306 -24.88 39.81 13.22
CA VAL B 306 -25.79 40.81 13.78
C VAL B 306 -26.57 41.51 12.67
N ILE B 307 -27.88 41.39 12.71
CA ILE B 307 -28.74 42.01 11.70
C ILE B 307 -29.51 43.20 12.27
N GLN B 308 -29.41 44.34 11.61
CA GLN B 308 -30.11 45.55 12.05
C GLN B 308 -31.21 45.95 11.08
N VAL B 309 -32.44 45.96 11.57
CA VAL B 309 -33.60 46.28 10.74
C VAL B 309 -34.18 47.64 11.11
N ASP B 310 -34.15 48.57 10.14
CA ASP B 310 -34.71 49.90 10.32
C ASP B 310 -35.97 50.05 9.48
N VAL B 311 -37.09 50.34 10.14
CA VAL B 311 -38.38 50.40 9.48
C VAL B 311 -38.83 51.84 9.24
N GLY B 312 -37.92 52.78 9.47
CA GLY B 312 -38.22 54.19 9.29
C GLY B 312 -38.39 54.58 7.83
N GLN C 1 -49.54 15.34 -33.45
CA GLN C 1 -50.84 14.70 -33.22
C GLN C 1 -51.02 14.37 -31.74
N LEU C 2 -50.41 13.27 -31.30
CA LEU C 2 -50.45 12.90 -29.90
C LEU C 2 -49.08 13.10 -29.24
N ARG C 3 -49.08 13.65 -28.03
CA ARG C 3 -47.83 13.89 -27.31
C ARG C 3 -47.89 13.35 -25.88
N TYR C 4 -47.06 12.37 -25.59
CA TYR C 4 -46.98 11.80 -24.24
C TYR C 4 -45.55 11.85 -23.72
N SER C 5 -45.39 11.61 -22.42
CA SER C 5 -44.05 11.61 -21.82
C SER C 5 -43.91 10.46 -20.82
N VAL C 6 -42.70 9.92 -20.70
CA VAL C 6 -42.43 8.86 -19.73
C VAL C 6 -40.98 8.93 -19.25
N VAL C 7 -40.79 8.70 -17.95
CA VAL C 7 -39.46 8.78 -17.34
C VAL C 7 -38.61 7.57 -17.72
N GLU C 8 -37.34 7.83 -18.06
CA GLU C 8 -36.38 6.78 -18.38
C GLU C 8 -36.27 5.73 -17.28
N GLU C 9 -35.98 4.49 -17.67
CA GLU C 9 -35.74 3.38 -16.75
C GLU C 9 -36.94 3.06 -15.86
N SER C 10 -38.11 3.55 -16.24
CA SER C 10 -39.33 3.27 -15.49
C SER C 10 -39.69 1.79 -15.64
N GLU C 11 -40.18 1.19 -14.56
CA GLU C 11 -40.51 -0.22 -14.57
C GLU C 11 -41.64 -0.53 -15.55
N PRO C 12 -41.53 -1.66 -16.26
CA PRO C 12 -42.54 -2.09 -17.24
C PRO C 12 -43.93 -2.21 -16.64
N GLY C 13 -44.93 -1.70 -17.35
CA GLY C 13 -46.29 -1.65 -16.85
C GLY C 13 -46.64 -0.23 -16.43
N THR C 14 -45.66 0.67 -16.50
CA THR C 14 -45.88 2.07 -16.17
C THR C 14 -46.73 2.73 -17.24
N LEU C 15 -47.79 3.42 -16.80
CA LEU C 15 -48.70 4.09 -17.71
C LEU C 15 -48.00 5.20 -18.49
N VAL C 16 -48.25 5.26 -19.79
CA VAL C 16 -47.66 6.30 -20.62
C VAL C 16 -48.73 7.26 -21.12
N GLY C 17 -49.82 6.72 -21.66
CA GLY C 17 -50.91 7.57 -22.11
C GLY C 17 -52.14 6.84 -22.61
N ASN C 18 -53.32 7.31 -22.19
CA ASN C 18 -54.57 6.70 -22.59
C ASN C 18 -54.95 7.08 -24.03
N VAL C 19 -54.56 6.21 -24.97
CA VAL C 19 -54.82 6.46 -26.38
C VAL C 19 -56.31 6.43 -26.70
N ALA C 20 -57.00 5.40 -26.21
CA ALA C 20 -58.43 5.22 -26.46
C ALA C 20 -59.24 6.42 -25.98
N GLN C 21 -58.97 6.86 -24.76
CA GLN C 21 -59.68 8.00 -24.18
C GLN C 21 -59.42 9.28 -24.98
N ASP C 22 -58.18 9.46 -25.41
CA ASP C 22 -57.79 10.65 -26.17
C ASP C 22 -58.25 10.57 -27.63
N LEU C 23 -58.74 9.41 -28.03
CA LEU C 23 -59.22 9.21 -29.40
C LEU C 23 -60.74 9.14 -29.45
N GLY C 24 -61.36 8.95 -28.29
CA GLY C 24 -62.81 8.90 -28.20
C GLY C 24 -63.40 7.51 -28.29
N LEU C 25 -62.54 6.49 -28.25
CA LEU C 25 -63.00 5.11 -28.29
C LEU C 25 -63.33 4.61 -26.88
N LYS C 26 -64.43 3.87 -26.76
CA LYS C 26 -64.90 3.41 -25.46
C LYS C 26 -65.34 1.96 -25.48
N GLY C 27 -64.62 1.12 -24.75
CA GLY C 27 -65.00 -0.27 -24.56
C GLY C 27 -64.97 -1.14 -25.80
N THR C 28 -66.10 -1.27 -26.45
CA THR C 28 -66.25 -2.17 -27.60
C THR C 28 -65.54 -1.61 -28.84
N ASP C 29 -65.53 -0.29 -28.96
CA ASP C 29 -64.93 0.39 -30.10
C ASP C 29 -63.49 -0.03 -30.36
N LEU C 30 -62.79 -0.40 -29.30
CA LEU C 30 -61.40 -0.84 -29.41
C LEU C 30 -61.28 -2.15 -30.18
N LEU C 31 -62.20 -3.08 -29.90
CA LEU C 31 -62.19 -4.38 -30.57
C LEU C 31 -62.79 -4.30 -31.97
N SER C 32 -63.89 -3.57 -32.08
CA SER C 32 -64.61 -3.44 -33.36
C SER C 32 -63.76 -2.75 -34.42
N ARG C 33 -62.98 -1.77 -34.01
CA ARG C 33 -62.16 -1.01 -34.95
C ARG C 33 -60.73 -1.54 -34.99
N ARG C 34 -60.49 -2.62 -34.24
CA ARG C 34 -59.19 -3.29 -34.21
C ARG C 34 -58.04 -2.35 -33.85
N LEU C 35 -57.94 -2.01 -32.58
CA LEU C 35 -56.88 -1.13 -32.09
C LEU C 35 -55.54 -1.83 -32.15
N ARG C 36 -54.62 -1.30 -32.95
CA ARG C 36 -53.33 -1.94 -33.16
C ARG C 36 -52.17 -0.95 -33.06
N LEU C 37 -50.95 -1.48 -33.00
CA LEU C 37 -49.74 -0.68 -33.11
C LEU C 37 -49.21 -0.75 -34.54
N GLY C 38 -48.45 0.27 -34.95
CA GLY C 38 -47.92 0.38 -36.29
C GLY C 38 -47.27 -0.88 -36.84
N SER C 39 -46.15 -1.27 -36.24
CA SER C 39 -45.44 -2.46 -36.68
C SER C 39 -44.96 -3.29 -35.49
N GLU C 40 -44.18 -4.32 -35.76
CA GLU C 40 -43.61 -5.16 -34.71
C GLU C 40 -42.58 -4.41 -33.90
N GLU C 41 -41.95 -3.42 -34.53
CA GLU C 41 -40.94 -2.61 -33.87
C GLU C 41 -41.56 -1.66 -32.84
N ASN C 42 -42.80 -1.25 -33.10
CA ASN C 42 -43.50 -0.35 -32.20
C ASN C 42 -43.73 -0.94 -30.81
N GLY C 43 -44.07 -2.22 -30.77
CA GLY C 43 -44.37 -2.88 -29.51
C GLY C 43 -43.15 -3.47 -28.81
N ARG C 44 -41.97 -3.06 -29.25
CA ARG C 44 -40.73 -3.52 -28.64
C ARG C 44 -40.58 -2.96 -27.23
N TYR C 45 -40.88 -1.67 -27.08
CA TYR C 45 -40.75 -1.00 -25.79
C TYR C 45 -42.10 -0.62 -25.19
N PHE C 46 -43.14 -0.66 -26.01
CA PHE C 46 -44.47 -0.24 -25.57
C PHE C 46 -45.52 -1.34 -25.72
N SER C 47 -46.67 -1.14 -25.10
CA SER C 47 -47.79 -2.06 -25.19
C SER C 47 -49.12 -1.33 -25.10
N LEU C 48 -50.03 -1.62 -26.02
CA LEU C 48 -51.34 -0.99 -26.05
C LEU C 48 -52.44 -1.98 -25.70
N SER C 49 -53.17 -1.70 -24.62
CA SER C 49 -54.20 -2.61 -24.12
C SER C 49 -55.56 -2.40 -24.80
N LEU C 50 -56.20 -3.50 -25.18
CA LEU C 50 -57.55 -3.44 -25.74
C LEU C 50 -58.61 -3.29 -24.66
N VAL C 51 -58.25 -3.60 -23.42
CA VAL C 51 -59.19 -3.52 -22.31
C VAL C 51 -59.24 -2.12 -21.69
N SER C 52 -58.08 -1.62 -21.28
CA SER C 52 -58.00 -0.33 -20.62
C SER C 52 -57.86 0.81 -21.63
N GLY C 53 -57.33 0.48 -22.80
CA GLY C 53 -57.11 1.47 -23.84
C GLY C 53 -55.92 2.35 -23.53
N ALA C 54 -55.11 1.90 -22.58
CA ALA C 54 -53.95 2.67 -22.14
C ALA C 54 -52.65 2.11 -22.72
N LEU C 55 -51.83 3.03 -23.23
CA LEU C 55 -50.50 2.68 -23.73
C LEU C 55 -49.49 2.77 -22.59
N ALA C 56 -48.79 1.67 -22.36
CA ALA C 56 -47.86 1.56 -21.24
C ALA C 56 -46.50 1.03 -21.67
N VAL C 57 -45.56 1.01 -20.73
CA VAL C 57 -44.19 0.55 -21.00
C VAL C 57 -44.07 -0.96 -21.02
N SER C 58 -43.53 -1.50 -22.11
CA SER C 58 -43.32 -2.92 -22.26
C SER C 58 -41.94 -3.36 -21.76
N GLN C 59 -40.92 -2.60 -22.14
CA GLN C 59 -39.54 -2.90 -21.76
C GLN C 59 -38.85 -1.71 -21.10
N LYS C 60 -38.04 -1.98 -20.09
CA LYS C 60 -37.28 -0.93 -19.41
C LYS C 60 -36.40 -0.21 -20.43
N ILE C 61 -36.63 1.10 -20.59
CA ILE C 61 -35.96 1.87 -21.64
C ILE C 61 -34.77 2.65 -21.11
N ASP C 62 -33.65 2.55 -21.81
CA ASP C 62 -32.47 3.34 -21.50
C ASP C 62 -32.25 4.36 -22.60
N ARG C 63 -32.50 5.63 -22.29
CA ARG C 63 -32.41 6.70 -23.28
C ARG C 63 -30.98 6.92 -23.76
N GLU C 64 -30.00 6.60 -22.92
CA GLU C 64 -28.60 6.74 -23.28
C GLU C 64 -28.25 5.80 -24.43
N SER C 65 -29.01 4.72 -24.56
CA SER C 65 -28.80 3.75 -25.62
C SER C 65 -29.52 4.18 -26.90
N LEU C 66 -30.68 4.81 -26.73
CA LEU C 66 -31.53 5.17 -27.86
C LEU C 66 -31.18 6.52 -28.48
N CYS C 67 -31.13 7.55 -27.64
CA CYS C 67 -30.91 8.91 -28.14
C CYS C 67 -29.47 9.38 -27.91
N GLY C 68 -28.74 8.66 -27.05
CA GLY C 68 -27.37 9.01 -26.75
C GLY C 68 -27.21 10.35 -26.07
N ALA C 69 -26.71 11.33 -26.82
CA ALA C 69 -26.45 12.66 -26.27
C ALA C 69 -27.39 13.71 -26.85
N SER C 70 -28.50 13.26 -27.44
CA SER C 70 -29.49 14.17 -28.00
C SER C 70 -30.19 14.97 -26.91
N THR C 71 -30.48 16.23 -27.19
CA THR C 71 -31.15 17.10 -26.22
C THR C 71 -32.56 16.60 -25.90
N SER C 72 -33.30 16.22 -26.94
CA SER C 72 -34.65 15.72 -26.78
C SER C 72 -34.80 14.33 -27.39
N CYS C 73 -35.37 13.41 -26.62
CA CYS C 73 -35.57 12.04 -27.11
C CYS C 73 -37.04 11.77 -27.39
N LEU C 74 -37.41 11.81 -28.67
CA LEU C 74 -38.79 11.59 -29.08
C LEU C 74 -38.94 10.24 -29.77
N LEU C 75 -39.77 9.37 -29.19
CA LEU C 75 -40.03 8.06 -29.76
C LEU C 75 -41.39 8.02 -30.47
N PRO C 76 -41.37 7.98 -31.80
CA PRO C 76 -42.58 7.98 -32.62
C PRO C 76 -43.16 6.58 -32.83
N VAL C 77 -44.48 6.45 -32.64
CA VAL C 77 -45.18 5.20 -32.89
C VAL C 77 -46.52 5.48 -33.59
N GLN C 78 -46.96 4.53 -34.40
CA GLN C 78 -48.20 4.69 -35.16
C GLN C 78 -49.32 3.83 -34.59
N VAL C 79 -50.48 4.42 -34.38
CA VAL C 79 -51.64 3.69 -33.89
C VAL C 79 -52.68 3.52 -34.99
N VAL C 80 -52.91 2.27 -35.38
CA VAL C 80 -53.81 1.99 -36.49
C VAL C 80 -55.20 1.57 -36.02
N THR C 81 -56.22 2.27 -36.51
CA THR C 81 -57.60 1.91 -36.19
C THR C 81 -58.40 1.73 -37.47
N GLU C 82 -59.02 0.56 -37.62
CA GLU C 82 -59.72 0.23 -38.86
C GLU C 82 -61.18 0.67 -38.84
N HIS C 83 -61.78 0.70 -40.03
CA HIS C 83 -63.18 1.06 -40.22
C HIS C 83 -63.56 2.41 -39.61
N PRO C 84 -63.10 3.51 -40.24
CA PRO C 84 -62.25 3.53 -41.42
C PRO C 84 -60.77 3.45 -41.06
N LEU C 85 -59.96 2.92 -41.98
CA LEU C 85 -58.53 2.72 -41.71
C LEU C 85 -57.81 4.06 -41.59
N GLU C 86 -57.46 4.42 -40.36
CA GLU C 86 -56.73 5.64 -40.09
C GLU C 86 -55.58 5.40 -39.11
N LEU C 87 -54.44 6.03 -39.39
CA LEU C 87 -53.27 5.95 -38.53
C LEU C 87 -53.09 7.24 -37.73
N THR C 88 -52.61 7.10 -36.50
CA THR C 88 -52.42 8.25 -35.62
C THR C 88 -50.96 8.32 -35.13
N ARG C 89 -50.38 9.51 -35.22
CA ARG C 89 -49.00 9.73 -34.81
C ARG C 89 -48.89 9.99 -33.31
N VAL C 90 -48.11 9.15 -32.64
CA VAL C 90 -47.91 9.30 -31.20
C VAL C 90 -46.43 9.52 -30.87
N GLU C 91 -46.14 10.66 -30.25
CA GLU C 91 -44.77 11.01 -29.89
C GLU C 91 -44.57 10.87 -28.39
N VAL C 92 -43.82 9.84 -28.00
CA VAL C 92 -43.53 9.60 -26.59
C VAL C 92 -42.14 10.08 -26.23
N GLU C 93 -42.07 11.16 -25.45
CA GLU C 93 -40.79 11.72 -25.04
C GLU C 93 -40.22 10.98 -23.82
N ILE C 94 -39.00 10.50 -23.97
CA ILE C 94 -38.30 9.83 -22.88
C ILE C 94 -37.54 10.84 -22.03
N LEU C 95 -38.09 11.16 -20.86
CA LEU C 95 -37.47 12.14 -19.97
C LEU C 95 -36.18 11.57 -19.37
N ASP C 96 -35.14 12.39 -19.37
CA ASP C 96 -33.84 11.95 -18.88
C ASP C 96 -33.86 11.75 -17.37
N LEU C 97 -33.24 10.66 -16.92
CA LEU C 97 -33.11 10.39 -15.50
C LEU C 97 -31.65 10.52 -15.07
N ASN C 98 -31.43 10.95 -13.84
CA ASN C 98 -30.08 11.10 -13.32
C ASN C 98 -29.56 9.81 -12.70
N ASP C 99 -29.41 8.78 -13.53
CA ASP C 99 -28.98 7.48 -13.05
C ASP C 99 -27.50 7.23 -13.33
N ASN C 100 -26.89 8.11 -14.11
CA ASN C 100 -25.46 8.00 -14.43
C ASN C 100 -24.63 8.99 -13.64
N SER C 101 -23.51 8.52 -13.09
CA SER C 101 -22.61 9.38 -12.33
C SER C 101 -21.45 9.80 -13.21
N PRO C 102 -20.92 11.03 -12.97
CA PRO C 102 -19.77 11.54 -13.72
C PRO C 102 -18.57 10.59 -13.66
N SER C 103 -17.98 10.31 -14.81
CA SER C 103 -16.90 9.34 -14.91
C SER C 103 -15.66 9.96 -15.56
N PHE C 104 -14.50 9.46 -15.18
CA PHE C 104 -13.23 9.91 -15.75
C PHE C 104 -12.62 8.83 -16.64
N ALA C 105 -11.86 9.26 -17.64
CA ALA C 105 -11.18 8.35 -18.55
C ALA C 105 -10.26 7.41 -17.77
N THR C 106 -9.61 7.95 -16.75
CA THR C 106 -8.75 7.16 -15.89
C THR C 106 -8.91 7.59 -14.43
N PRO C 107 -8.99 6.61 -13.53
CA PRO C 107 -9.17 6.89 -12.10
C PRO C 107 -7.97 7.62 -11.49
N ASP C 108 -6.77 7.22 -11.89
CA ASP C 108 -5.55 7.86 -11.40
C ASP C 108 -4.75 8.43 -12.57
N ARG C 109 -4.20 9.62 -12.38
CA ARG C 109 -3.40 10.27 -13.41
C ARG C 109 -2.10 10.81 -12.83
N GLU C 110 -1.03 10.73 -13.61
CA GLU C 110 0.26 11.28 -13.18
C GLU C 110 0.66 12.48 -14.03
N MET C 111 1.02 13.57 -13.36
CA MET C 111 1.50 14.76 -14.04
C MET C 111 2.91 15.11 -13.60
N ARG C 112 3.81 15.25 -14.57
CA ARG C 112 5.19 15.62 -14.26
C ARG C 112 5.38 17.09 -14.57
N ILE C 113 5.68 17.88 -13.53
CA ILE C 113 5.86 19.31 -13.70
C ILE C 113 7.25 19.75 -13.24
N SER C 114 7.91 20.54 -14.07
CA SER C 114 9.23 21.06 -13.78
C SER C 114 9.21 21.99 -12.57
N GLU C 115 10.27 21.92 -11.77
CA GLU C 115 10.41 22.76 -10.59
C GLU C 115 10.53 24.24 -10.99
N SER C 116 10.94 24.47 -12.22
CA SER C 116 11.14 25.83 -12.73
C SER C 116 9.88 26.40 -13.36
N ALA C 117 8.76 25.71 -13.18
CA ALA C 117 7.48 26.19 -13.71
C ALA C 117 7.06 27.50 -13.04
N ALA C 118 6.90 28.54 -13.85
CA ALA C 118 6.54 29.87 -13.34
C ALA C 118 5.07 29.90 -12.90
N PRO C 119 4.79 30.62 -11.80
CA PRO C 119 3.41 30.79 -11.32
C PRO C 119 2.50 31.40 -12.39
N GLY C 120 1.25 30.95 -12.43
CA GLY C 120 0.33 31.41 -13.44
C GLY C 120 0.21 30.41 -14.58
N ALA C 121 1.09 29.42 -14.58
CA ALA C 121 1.08 28.37 -15.59
C ALA C 121 -0.19 27.54 -15.53
N ARG C 122 -0.72 27.18 -16.69
CA ARG C 122 -1.93 26.38 -16.76
C ARG C 122 -1.66 24.99 -17.32
N PHE C 123 -2.24 23.98 -16.67
CA PHE C 123 -2.09 22.60 -17.12
C PHE C 123 -3.46 21.96 -17.35
N PRO C 124 -3.76 21.59 -18.60
CA PRO C 124 -5.05 21.00 -18.95
C PRO C 124 -5.29 19.66 -18.24
N LEU C 125 -6.56 19.32 -18.02
CA LEU C 125 -6.90 18.08 -17.33
C LEU C 125 -7.90 17.26 -18.14
N ASP C 126 -7.84 15.94 -17.98
CA ASP C 126 -8.81 15.07 -18.63
C ASP C 126 -10.20 15.37 -18.09
N SER C 127 -11.09 15.81 -18.98
CA SER C 127 -12.45 16.15 -18.60
C SER C 127 -13.25 14.89 -18.25
N ALA C 128 -14.31 15.07 -17.48
CA ALA C 128 -15.17 13.96 -17.10
C ALA C 128 -16.38 13.88 -18.01
N GLN C 129 -16.98 12.70 -18.09
CA GLN C 129 -18.14 12.50 -18.95
C GLN C 129 -19.36 12.08 -18.14
N ASP C 130 -20.53 12.46 -18.63
CA ASP C 130 -21.80 12.10 -18.00
C ASP C 130 -22.90 12.09 -19.05
N PRO C 131 -23.28 10.89 -19.52
CA PRO C 131 -24.18 10.69 -20.65
C PRO C 131 -25.59 11.26 -20.44
N ASP C 132 -25.88 11.74 -19.23
CA ASP C 132 -27.16 12.39 -18.97
C ASP C 132 -27.26 13.74 -19.68
N VAL C 133 -28.48 14.22 -19.89
CA VAL C 133 -28.71 15.49 -20.57
C VAL C 133 -29.19 16.54 -19.57
N GLY C 134 -29.19 17.80 -19.99
CA GLY C 134 -29.65 18.89 -19.17
C GLY C 134 -28.75 19.14 -17.97
N THR C 135 -29.36 19.44 -16.83
CA THR C 135 -28.60 19.69 -15.61
C THR C 135 -28.03 18.40 -15.04
N ASN C 136 -28.55 17.26 -15.50
CA ASN C 136 -28.12 15.96 -14.99
C ASN C 136 -26.72 15.56 -15.45
N THR C 137 -26.13 16.35 -16.36
CA THR C 137 -24.75 16.10 -16.78
C THR C 137 -23.81 16.90 -15.89
N VAL C 138 -22.51 16.80 -16.16
CA VAL C 138 -21.48 17.45 -15.34
C VAL C 138 -21.74 18.94 -15.18
N SER C 139 -21.84 19.38 -13.93
CA SER C 139 -22.16 20.78 -13.62
C SER C 139 -20.92 21.58 -13.25
N PHE C 140 -20.07 21.03 -12.39
CA PHE C 140 -18.87 21.73 -11.96
C PHE C 140 -17.80 20.80 -11.40
N TYR C 141 -16.58 21.33 -11.31
CA TYR C 141 -15.46 20.60 -10.72
C TYR C 141 -15.02 21.23 -9.41
N THR C 142 -14.46 20.42 -8.51
CA THR C 142 -13.89 20.91 -7.27
C THR C 142 -12.52 20.29 -7.03
N LEU C 143 -11.58 21.09 -6.55
CA LEU C 143 -10.22 20.61 -6.29
C LEU C 143 -9.96 20.53 -4.78
N SER C 144 -9.33 19.43 -4.37
CA SER C 144 -8.98 19.23 -2.97
C SER C 144 -8.03 20.33 -2.50
N PRO C 145 -8.16 20.73 -1.22
CA PRO C 145 -7.30 21.77 -0.65
C PRO C 145 -5.82 21.47 -0.81
N ASN C 146 -5.07 22.42 -1.34
CA ASN C 146 -3.63 22.28 -1.52
C ASN C 146 -2.94 23.63 -1.49
N SER C 147 -1.61 23.60 -1.46
CA SER C 147 -0.84 24.82 -1.23
C SER C 147 -0.32 25.50 -2.51
N HIS C 148 -0.31 24.78 -3.62
CA HIS C 148 0.32 25.30 -4.83
C HIS C 148 -0.61 25.44 -6.05
N PHE C 149 -1.63 24.59 -6.13
CA PHE C 149 -2.47 24.57 -7.33
C PHE C 149 -3.88 25.09 -7.09
N SER C 150 -4.48 25.60 -8.15
CA SER C 150 -5.86 26.10 -8.11
C SER C 150 -6.63 25.51 -9.28
N LEU C 151 -7.95 25.54 -9.20
CA LEU C 151 -8.77 24.98 -10.27
C LEU C 151 -9.42 26.07 -11.11
N HIS C 152 -9.30 25.94 -12.43
CA HIS C 152 -9.95 26.87 -13.35
C HIS C 152 -10.72 26.11 -14.42
N VAL C 153 -12.05 26.19 -14.37
CA VAL C 153 -12.89 25.53 -15.36
C VAL C 153 -13.47 26.54 -16.33
N LYS C 154 -13.15 26.37 -17.61
CA LYS C 154 -13.65 27.29 -18.62
C LYS C 154 -14.69 26.62 -19.49
N THR C 155 -15.80 27.31 -19.70
CA THR C 155 -16.89 26.80 -20.53
C THR C 155 -16.59 27.09 -21.99
N LEU C 156 -16.83 26.12 -22.86
CA LEU C 156 -16.55 26.31 -24.28
C LEU C 156 -17.81 26.78 -24.97
N LYS C 157 -17.70 27.14 -26.24
CA LYS C 157 -18.84 27.62 -27.01
C LYS C 157 -19.94 26.55 -27.07
N ASP C 158 -19.52 25.29 -27.18
CA ASP C 158 -20.46 24.17 -27.20
C ASP C 158 -21.08 23.95 -25.83
N GLY C 159 -20.47 24.53 -24.80
CA GLY C 159 -20.97 24.43 -23.44
C GLY C 159 -20.36 23.33 -22.59
N LYS C 160 -19.43 22.56 -23.15
CA LYS C 160 -18.76 21.53 -22.38
C LYS C 160 -17.66 22.15 -21.54
N LEU C 161 -17.47 21.63 -20.32
CA LEU C 161 -16.48 22.19 -19.39
C LEU C 161 -15.07 21.70 -19.64
N PHE C 162 -14.12 22.63 -19.58
CA PHE C 162 -12.71 22.31 -19.70
C PHE C 162 -11.95 22.78 -18.47
N PRO C 163 -11.61 21.84 -17.57
CA PRO C 163 -10.90 22.13 -16.32
C PRO C 163 -9.39 22.13 -16.49
N GLU C 164 -8.70 22.98 -15.72
CA GLU C 164 -7.25 23.04 -15.78
C GLU C 164 -6.66 23.57 -14.47
N LEU C 165 -5.52 23.00 -14.10
CA LEU C 165 -4.77 23.43 -12.93
C LEU C 165 -4.04 24.75 -13.21
N VAL C 166 -3.94 25.59 -12.18
CA VAL C 166 -3.19 26.83 -12.28
C VAL C 166 -2.21 26.94 -11.11
N LEU C 167 -0.93 27.14 -11.43
CA LEU C 167 0.10 27.20 -10.40
C LEU C 167 0.04 28.52 -9.65
N GLU C 168 -0.15 28.45 -8.34
CA GLU C 168 -0.27 29.64 -7.51
C GLU C 168 1.05 30.02 -6.86
N GLN C 169 1.86 29.02 -6.55
CA GLN C 169 3.16 29.26 -5.92
C GLN C 169 4.27 28.49 -6.62
N GLN C 170 5.48 29.04 -6.58
CA GLN C 170 6.64 28.39 -7.17
C GLN C 170 6.90 27.04 -6.53
N LEU C 171 6.97 25.99 -7.34
CA LEU C 171 7.21 24.64 -6.83
C LEU C 171 8.66 24.48 -6.41
N ASP C 172 8.88 23.67 -5.39
CA ASP C 172 10.23 23.40 -4.90
C ASP C 172 10.35 21.93 -4.51
N ARG C 173 11.15 21.18 -5.27
CA ARG C 173 11.34 19.76 -5.01
C ARG C 173 12.02 19.51 -3.66
N GLU C 174 12.83 20.47 -3.23
CA GLU C 174 13.57 20.31 -1.99
C GLU C 174 12.68 20.51 -0.77
N THR C 175 11.46 20.99 -1.00
CA THR C 175 10.46 21.12 0.05
C THR C 175 9.46 19.98 -0.04
N GLN C 176 8.79 19.85 -1.18
CA GLN C 176 7.90 18.73 -1.42
C GLN C 176 8.09 18.18 -2.82
N ALA C 177 8.54 16.93 -2.90
CA ALA C 177 8.82 16.30 -4.18
C ALA C 177 7.54 15.81 -4.85
N ARG C 178 6.49 15.60 -4.06
CA ARG C 178 5.23 15.08 -4.57
C ARG C 178 4.03 15.90 -4.12
N HIS C 179 3.04 16.02 -4.99
CA HIS C 179 1.78 16.65 -4.61
C HIS C 179 0.63 15.72 -4.97
N GLN C 180 -0.40 15.66 -4.13
CA GLN C 180 -1.58 14.86 -4.47
C GLN C 180 -2.86 15.69 -4.40
N LEU C 181 -3.63 15.65 -5.48
CA LEU C 181 -4.85 16.45 -5.57
C LEU C 181 -6.04 15.54 -5.86
N VAL C 182 -7.23 15.95 -5.42
CA VAL C 182 -8.44 15.20 -5.72
C VAL C 182 -9.38 16.03 -6.58
N LEU C 183 -9.47 15.67 -7.85
CA LEU C 183 -10.37 16.37 -8.76
C LEU C 183 -11.74 15.70 -8.74
N THR C 184 -12.77 16.46 -8.40
CA THR C 184 -14.11 15.90 -8.27
C THR C 184 -15.07 16.53 -9.27
N ALA C 185 -15.66 15.70 -10.11
CA ALA C 185 -16.67 16.17 -11.05
C ALA C 185 -18.06 15.89 -10.49
N VAL C 186 -18.87 16.95 -10.43
CA VAL C 186 -20.22 16.85 -9.87
C VAL C 186 -21.27 17.37 -10.85
N ASP C 187 -22.36 16.63 -11.00
CA ASP C 187 -23.44 17.04 -11.88
C ASP C 187 -24.42 17.96 -11.16
N GLY C 188 -25.44 18.43 -11.87
CA GLY C 188 -26.42 19.34 -11.30
C GLY C 188 -27.77 18.68 -11.10
N GLY C 189 -27.76 17.51 -10.48
CA GLY C 189 -28.99 16.80 -10.21
C GLY C 189 -29.40 16.86 -8.74
N THR C 190 -30.59 16.37 -8.45
CA THR C 190 -31.08 16.30 -7.08
C THR C 190 -31.63 14.91 -6.78
N PRO C 191 -30.89 14.09 -6.01
CA PRO C 191 -29.57 14.40 -5.45
C PRO C 191 -28.46 14.39 -6.48
N ALA C 192 -27.42 15.20 -6.26
CA ALA C 192 -26.30 15.28 -7.17
C ALA C 192 -25.39 14.05 -7.09
N ARG C 193 -24.88 13.63 -8.25
CA ARG C 193 -23.94 12.52 -8.32
C ARG C 193 -22.56 13.06 -8.66
N SER C 194 -21.53 12.29 -8.34
CA SER C 194 -20.16 12.75 -8.52
C SER C 194 -19.17 11.62 -8.77
N GLY C 195 -17.99 11.99 -9.27
CA GLY C 195 -16.93 11.02 -9.48
C GLY C 195 -15.58 11.70 -9.26
N THR C 196 -14.58 10.92 -8.87
CA THR C 196 -13.28 11.50 -8.56
C THR C 196 -12.13 10.93 -9.38
N SER C 197 -11.14 11.77 -9.63
CA SER C 197 -9.86 11.33 -10.17
C SER C 197 -8.76 12.02 -9.37
N LEU C 198 -7.83 11.23 -8.83
CA LEU C 198 -6.76 11.79 -8.01
C LEU C 198 -5.49 11.98 -8.84
N ILE C 199 -5.04 13.23 -8.91
CA ILE C 199 -3.88 13.59 -9.71
C ILE C 199 -2.63 13.66 -8.85
N SER C 200 -1.61 12.92 -9.26
CA SER C 200 -0.33 12.92 -8.56
C SER C 200 0.73 13.71 -9.33
N VAL C 201 1.03 14.89 -8.82
CA VAL C 201 2.00 15.80 -9.42
C VAL C 201 3.43 15.45 -9.01
N ILE C 202 4.22 15.05 -9.99
CA ILE C 202 5.63 14.73 -9.78
C ILE C 202 6.46 15.99 -10.03
N VAL C 203 7.14 16.47 -9.00
CA VAL C 203 7.99 17.66 -9.16
C VAL C 203 9.34 17.27 -9.73
N LEU C 204 9.57 17.60 -11.00
CA LEU C 204 10.83 17.27 -11.66
C LEU C 204 11.95 18.16 -11.15
N ASP C 205 13.11 17.55 -10.88
CA ASP C 205 14.23 18.29 -10.32
C ASP C 205 14.83 19.26 -11.33
N VAL C 206 15.16 20.45 -10.87
CA VAL C 206 15.88 21.43 -11.67
C VAL C 206 17.08 21.92 -10.88
N ASN C 207 18.22 22.05 -11.55
CA ASN C 207 19.42 22.53 -10.88
C ASN C 207 19.28 23.99 -10.51
N ASP C 208 18.50 24.27 -9.48
CA ASP C 208 18.26 25.64 -9.03
C ASP C 208 19.04 25.91 -7.75
N ASN C 209 19.79 24.91 -7.30
CA ASN C 209 20.57 25.04 -6.08
C ASN C 209 22.06 24.92 -6.36
N ALA C 210 22.84 25.80 -5.76
CA ALA C 210 24.29 25.77 -5.89
C ALA C 210 24.90 25.08 -4.67
N PRO C 211 26.05 24.41 -4.86
CA PRO C 211 26.74 23.78 -3.73
C PRO C 211 27.10 24.81 -2.66
N THR C 212 27.06 24.41 -1.40
CA THR C 212 27.35 25.32 -0.30
C THR C 212 28.29 24.67 0.71
N PHE C 213 29.39 25.36 0.99
CA PHE C 213 30.37 24.87 1.95
C PHE C 213 29.85 25.07 3.37
N GLN C 214 30.27 24.19 4.28
CA GLN C 214 29.85 24.25 5.68
C GLN C 214 30.24 25.57 6.32
N SER C 215 31.35 26.14 5.87
CA SER C 215 31.80 27.44 6.36
C SER C 215 32.21 28.32 5.18
N SER C 216 31.63 29.51 5.10
CA SER C 216 31.94 30.44 4.02
C SER C 216 33.39 30.89 4.08
N VAL C 217 33.92 31.06 5.30
CA VAL C 217 35.31 31.43 5.50
C VAL C 217 35.96 30.54 6.56
N LEU C 218 37.09 29.95 6.22
CA LEU C 218 37.84 29.11 7.15
C LEU C 218 39.25 29.63 7.38
N ARG C 219 39.71 29.59 8.62
CA ARG C 219 41.06 30.02 8.95
C ARG C 219 41.77 28.98 9.81
N VAL C 220 42.87 28.45 9.29
CA VAL C 220 43.65 27.44 10.00
C VAL C 220 45.12 27.85 10.10
N GLY C 221 45.82 27.31 11.08
CA GLY C 221 47.23 27.60 11.26
C GLY C 221 48.07 26.34 11.33
N LEU C 222 49.13 26.28 10.52
CA LEU C 222 50.01 25.13 10.53
C LEU C 222 51.45 25.55 10.82
N PRO C 223 52.20 24.70 11.54
CA PRO C 223 53.61 24.98 11.80
C PRO C 223 54.42 25.04 10.49
N GLU C 224 55.57 25.70 10.54
CA GLU C 224 56.40 25.83 9.35
C GLU C 224 57.20 24.56 9.04
N ASN C 225 57.32 23.70 10.03
CA ASN C 225 58.09 22.46 9.86
C ASN C 225 57.15 21.33 9.44
N THR C 226 55.95 21.71 9.01
CA THR C 226 54.96 20.76 8.53
C THR C 226 55.49 19.99 7.32
N PRO C 227 55.56 18.66 7.42
CA PRO C 227 56.11 17.85 6.34
C PRO C 227 55.12 17.65 5.19
N PRO C 228 55.64 17.40 3.98
CA PRO C 228 54.81 17.15 2.79
C PRO C 228 53.89 15.95 2.95
N GLY C 229 52.70 16.02 2.36
CA GLY C 229 51.74 14.94 2.42
C GLY C 229 50.79 15.06 3.59
N THR C 230 51.01 16.07 4.42
CA THR C 230 50.18 16.28 5.60
C THR C 230 48.80 16.83 5.20
N LEU C 231 47.75 16.29 5.81
CA LEU C 231 46.39 16.72 5.53
C LEU C 231 46.07 18.01 6.26
N LEU C 232 45.85 19.08 5.51
CA LEU C 232 45.52 20.38 6.09
C LEU C 232 44.08 20.36 6.59
N LEU C 233 43.14 20.13 5.68
CA LEU C 233 41.72 20.06 6.02
C LEU C 233 40.92 19.47 4.86
N ARG C 234 39.70 19.06 5.14
CA ARG C 234 38.82 18.52 4.11
C ARG C 234 37.57 19.39 3.94
N LEU C 235 37.26 19.71 2.69
CA LEU C 235 36.12 20.55 2.37
C LEU C 235 34.80 19.80 2.45
N ASN C 236 33.74 20.52 2.79
CA ASN C 236 32.41 19.92 2.91
C ASN C 236 31.34 20.76 2.23
N ALA C 237 31.13 20.51 0.94
CA ALA C 237 30.08 21.18 0.20
C ALA C 237 28.92 20.23 -0.03
N THR C 238 27.70 20.76 0.02
CA THR C 238 26.52 19.93 -0.14
C THR C 238 25.57 20.50 -1.20
N ASP C 239 24.84 19.60 -1.86
CA ASP C 239 23.85 20.01 -2.84
C ASP C 239 22.56 19.23 -2.64
N PRO C 240 21.44 19.94 -2.41
CA PRO C 240 20.15 19.32 -2.12
C PRO C 240 19.45 18.74 -3.34
N ASP C 241 19.96 19.06 -4.53
CA ASP C 241 19.34 18.59 -5.77
C ASP C 241 19.49 17.08 -5.95
N GLU C 242 18.86 16.56 -6.99
CA GLU C 242 18.78 15.12 -7.20
C GLU C 242 19.72 14.64 -8.31
N GLY C 243 20.38 13.51 -8.08
CA GLY C 243 21.23 12.89 -9.08
C GLY C 243 22.50 13.67 -9.37
N THR C 244 22.79 13.84 -10.66
CA THR C 244 23.97 14.56 -11.10
C THR C 244 23.91 16.03 -10.70
N ASN C 245 22.69 16.54 -10.52
CA ASN C 245 22.49 17.91 -10.09
C ASN C 245 22.88 18.11 -8.62
N GLY C 246 23.09 17.01 -7.91
CA GLY C 246 23.44 17.08 -6.50
C GLY C 246 24.85 16.60 -6.21
N GLN C 247 25.55 16.15 -7.24
CA GLN C 247 26.94 15.73 -7.10
C GLN C 247 27.88 16.82 -7.59
N LEU C 248 29.02 16.96 -6.95
CA LEU C 248 29.91 18.07 -7.22
C LEU C 248 31.39 17.69 -7.29
N ASP C 249 32.19 18.56 -7.90
CA ASP C 249 33.63 18.36 -8.03
C ASP C 249 34.39 19.58 -7.50
N TYR C 250 35.35 19.34 -6.62
CA TYR C 250 36.14 20.41 -6.04
C TYR C 250 37.29 20.84 -6.95
N SER C 251 37.65 22.12 -6.89
CA SER C 251 38.75 22.65 -7.68
C SER C 251 39.21 24.01 -7.16
N PHE C 252 40.42 24.40 -7.55
CA PHE C 252 40.95 25.72 -7.22
C PHE C 252 40.28 26.80 -8.05
N GLY C 253 40.42 28.05 -7.63
CA GLY C 253 39.90 29.17 -8.39
C GLY C 253 40.71 29.39 -9.66
N ASP C 254 40.11 30.07 -10.63
CA ASP C 254 40.80 30.37 -11.88
C ASP C 254 41.98 31.30 -11.67
N HIS C 255 41.83 32.21 -10.72
CA HIS C 255 42.85 33.22 -10.46
C HIS C 255 43.86 32.78 -9.39
N THR C 256 43.79 31.50 -9.03
CA THR C 256 44.70 30.93 -8.03
C THR C 256 46.16 31.02 -8.49
N SER C 257 47.02 31.55 -7.63
CA SER C 257 48.43 31.70 -7.95
C SER C 257 49.13 30.36 -8.15
N GLU C 258 50.26 30.40 -8.87
CA GLU C 258 51.02 29.19 -9.15
C GLU C 258 51.75 28.70 -7.90
N THR C 259 52.06 29.64 -7.01
CA THR C 259 52.70 29.31 -5.74
C THR C 259 51.79 28.44 -4.88
N VAL C 260 50.53 28.83 -4.79
CA VAL C 260 49.54 28.08 -4.04
C VAL C 260 49.27 26.72 -4.68
N LYS C 261 49.19 26.71 -6.01
CA LYS C 261 48.94 25.47 -6.75
C LYS C 261 50.08 24.48 -6.60
N ASN C 262 51.30 24.99 -6.48
CA ASN C 262 52.46 24.13 -6.29
C ASN C 262 52.62 23.68 -4.84
N LEU C 263 52.21 24.55 -3.92
CA LEU C 263 52.29 24.25 -2.49
C LEU C 263 51.20 23.28 -2.05
N PHE C 264 49.96 23.59 -2.38
CA PHE C 264 48.83 22.77 -1.96
C PHE C 264 48.21 21.98 -3.12
N GLY C 265 47.50 20.90 -2.78
CA GLY C 265 46.79 20.11 -3.77
C GLY C 265 45.49 19.57 -3.21
N LEU C 266 44.42 19.64 -4.00
CA LEU C 266 43.12 19.19 -3.54
C LEU C 266 42.53 18.06 -4.40
N ASP C 267 41.84 17.13 -3.74
CA ASP C 267 41.13 16.06 -4.42
C ASP C 267 39.75 16.54 -4.87
N PRO C 268 39.51 16.51 -6.20
CA PRO C 268 38.24 16.99 -6.78
C PRO C 268 37.00 16.23 -6.29
N SER C 269 37.20 15.12 -5.58
CA SER C 269 36.08 14.33 -5.09
C SER C 269 35.87 14.46 -3.59
N SER C 270 36.88 14.06 -2.82
CA SER C 270 36.78 14.06 -1.37
C SER C 270 36.96 15.46 -0.79
N GLY C 271 37.62 16.33 -1.53
CA GLY C 271 37.84 17.70 -1.10
C GLY C 271 38.92 17.85 -0.05
N ALA C 272 39.76 16.81 0.08
CA ALA C 272 40.86 16.85 1.04
C ALA C 272 42.06 17.59 0.45
N ILE C 273 42.55 18.59 1.18
CA ILE C 273 43.69 19.37 0.73
C ILE C 273 44.98 19.00 1.47
N HIS C 274 46.01 18.65 0.72
CA HIS C 274 47.29 18.27 1.31
C HIS C 274 48.39 19.22 0.86
N VAL C 275 49.35 19.47 1.77
CA VAL C 275 50.49 20.32 1.45
C VAL C 275 51.61 19.50 0.81
N LEU C 276 51.99 19.87 -0.40
CA LEU C 276 52.97 19.13 -1.17
C LEU C 276 54.39 19.68 -1.00
N GLY C 277 54.53 21.01 -1.01
CA GLY C 277 55.83 21.64 -0.95
C GLY C 277 56.23 22.11 0.43
N PRO C 278 57.41 22.74 0.53
CA PRO C 278 57.95 23.26 1.80
C PRO C 278 57.40 24.63 2.18
N VAL C 279 57.19 24.85 3.47
CA VAL C 279 56.70 26.12 3.98
C VAL C 279 57.68 26.77 4.96
N ASP C 280 57.82 28.08 4.86
CA ASP C 280 58.67 28.85 5.77
C ASP C 280 58.02 30.19 6.04
N PHE C 281 58.27 30.78 7.22
CA PHE C 281 57.67 32.08 7.52
C PHE C 281 58.32 33.18 6.67
N GLU C 282 59.51 32.87 6.16
CA GLU C 282 60.28 33.85 5.40
C GLU C 282 59.58 34.25 4.11
N GLU C 283 59.10 33.28 3.36
CA GLU C 283 58.43 33.56 2.08
C GLU C 283 57.13 34.35 2.29
N SER C 284 56.21 33.77 3.05
CA SER C 284 54.91 34.41 3.27
C SER C 284 54.23 33.90 4.53
N ASN C 285 53.71 34.83 5.33
CA ASN C 285 53.02 34.49 6.58
C ASN C 285 51.58 34.05 6.37
N PHE C 286 50.96 34.51 5.29
CA PHE C 286 49.54 34.30 5.10
C PHE C 286 49.28 33.79 3.68
N TYR C 287 48.48 32.73 3.58
CA TYR C 287 48.06 32.21 2.28
C TYR C 287 46.54 32.06 2.27
N GLU C 288 45.88 32.54 1.22
CA GLU C 288 44.43 32.35 1.14
C GLU C 288 44.06 31.53 -0.09
N ILE C 289 43.58 30.32 0.15
CA ILE C 289 43.21 29.42 -0.94
C ILE C 289 41.74 29.63 -1.27
N HIS C 290 41.43 29.66 -2.56
CA HIS C 290 40.06 29.84 -3.03
C HIS C 290 39.49 28.51 -3.52
N ALA C 291 38.67 27.89 -2.68
CA ALA C 291 38.06 26.62 -3.01
C ALA C 291 36.78 26.83 -3.82
N ARG C 292 36.47 25.88 -4.70
CA ARG C 292 35.31 26.01 -5.56
C ARG C 292 34.66 24.66 -5.83
N ALA C 293 33.37 24.56 -5.52
CA ALA C 293 32.63 23.33 -5.79
C ALA C 293 31.75 23.50 -7.02
N ARG C 294 32.04 22.72 -8.05
CA ARG C 294 31.34 22.81 -9.32
C ARG C 294 30.27 21.73 -9.43
N ASP C 295 29.08 22.11 -9.88
CA ASP C 295 27.98 21.16 -10.01
C ASP C 295 28.06 20.36 -11.30
N GLN C 296 27.62 19.10 -11.24
CA GLN C 296 27.63 18.24 -12.41
C GLN C 296 26.30 18.27 -13.14
N GLY C 297 25.63 19.43 -13.11
CA GLY C 297 24.34 19.58 -13.74
C GLY C 297 24.39 20.32 -15.06
N GLN C 298 23.24 20.86 -15.47
CA GLN C 298 23.14 21.59 -16.73
C GLN C 298 21.94 22.54 -16.71
N PRO C 299 22.19 23.85 -16.58
CA PRO C 299 23.51 24.49 -16.45
C PRO C 299 24.18 24.20 -15.11
N ALA C 300 25.48 24.42 -15.03
CA ALA C 300 26.25 24.10 -13.84
C ALA C 300 26.17 25.22 -12.80
N MET C 301 26.00 24.82 -11.54
CA MET C 301 26.04 25.75 -10.43
C MET C 301 27.39 25.63 -9.73
N GLU C 302 27.75 26.64 -8.95
CA GLU C 302 29.04 26.58 -8.25
C GLU C 302 29.02 27.35 -6.93
N GLY C 303 29.69 26.78 -5.93
CA GLY C 303 29.83 27.42 -4.65
C GLY C 303 31.29 27.77 -4.40
N HIS C 304 31.52 28.79 -3.57
CA HIS C 304 32.88 29.26 -3.33
C HIS C 304 33.21 29.28 -1.84
N CYS C 305 34.44 28.91 -1.53
CA CYS C 305 34.92 28.92 -0.16
C CYS C 305 36.27 29.61 -0.08
N VAL C 306 36.57 30.20 1.09
CA VAL C 306 37.85 30.85 1.30
C VAL C 306 38.55 30.27 2.50
N ILE C 307 39.73 29.70 2.27
CA ILE C 307 40.51 29.09 3.34
C ILE C 307 41.70 29.97 3.70
N GLN C 308 41.87 30.24 4.99
CA GLN C 308 42.97 31.09 5.42
C GLN C 308 44.01 30.28 6.19
N VAL C 309 45.21 30.22 5.62
CA VAL C 309 46.30 29.45 6.17
C VAL C 309 47.39 30.37 6.73
N ASP C 310 47.59 30.30 8.04
CA ASP C 310 48.61 31.12 8.70
C ASP C 310 49.77 30.25 9.19
N VAL C 311 50.96 30.51 8.69
CA VAL C 311 52.13 29.70 9.02
C VAL C 311 53.03 30.42 10.01
C1 NAG D . -4.32 -43.86 38.64
C2 NAG D . -3.23 -44.92 38.91
C3 NAG D . -2.16 -44.88 37.82
C4 NAG D . -2.78 -44.95 36.44
C5 NAG D . -3.81 -43.83 36.30
C6 NAG D . -4.50 -43.80 34.96
C7 NAG D . -2.61 -45.66 41.17
C8 NAG D . -3.25 -46.97 40.82
N2 NAG D . -2.64 -44.72 40.22
O3 NAG D . -1.27 -45.98 38.00
O4 NAG D . -1.78 -44.80 35.44
O5 NAG D . -4.82 -44.00 37.31
O6 NAG D . -5.08 -45.05 34.61
O7 NAG D . -2.11 -45.46 42.27
C1 FUC D . -5.66 -44.87 33.30
C2 FUC D . -6.13 -46.21 32.68
C3 FUC D . -7.52 -46.63 33.19
C4 FUC D . -8.51 -45.47 33.12
C5 FUC D . -7.94 -44.27 33.86
C6 FUC D . -8.83 -43.04 33.79
O2 FUC D . -5.18 -47.25 32.86
O3 FUC D . -8.03 -47.69 32.37
O4 FUC D . -8.77 -45.13 31.77
O5 FUC D . -6.67 -43.88 33.31
C1 NAG E . -21.68 33.43 0.14
C2 NAG E . -21.78 33.92 -1.29
C3 NAG E . -20.84 33.13 -2.18
C4 NAG E . -19.42 33.15 -1.64
C5 NAG E . -19.40 32.78 -0.15
C6 NAG E . -18.05 33.00 0.50
C7 NAG E . -23.99 34.87 -1.81
C8 NAG E . -25.37 34.60 -2.33
N2 NAG E . -23.15 33.83 -1.77
O3 NAG E . -20.88 33.68 -3.50
O4 NAG E . -18.64 32.20 -2.34
O5 NAG E . -20.34 33.57 0.59
O6 NAG E . -18.13 33.07 1.92
O7 NAG E . -23.64 35.99 -1.42
C1 NAG E . -17.48 32.78 -3.01
C2 NAG E . -17.86 33.39 -4.37
C3 NAG E . -16.61 33.92 -5.07
C4 NAG E . -15.83 34.85 -4.15
C5 NAG E . -15.55 34.16 -2.82
C6 NAG E . -14.86 35.06 -1.83
C7 NAG E . -19.36 32.76 -6.21
C8 NAG E . -19.98 31.63 -6.96
N2 NAG E . -18.54 32.42 -5.21
O3 NAG E . -17.00 34.61 -6.25
O4 NAG E . -14.60 35.21 -4.76
O5 NAG E . -16.79 33.74 -2.23
O6 NAG E . -13.68 35.63 -2.37
O7 NAG E . -19.60 33.93 -6.49
C1 FUC E . -18.11 34.43 2.41
C2 FUC E . -17.19 34.58 3.66
C3 FUC E . -15.78 35.03 3.29
C4 FUC E . -15.86 36.32 2.48
C5 FUC E . -16.61 36.04 1.19
C6 FUC E . -16.85 37.30 0.36
O2 FUC E . -17.15 33.38 4.44
O3 FUC E . -15.03 35.30 4.47
O4 FUC E . -16.54 37.32 3.23
O5 FUC E . -17.93 35.46 1.41
C1 NAG F . 28.69 18.89 5.92
C2 NAG F . 28.53 18.24 7.29
C3 NAG F . 27.10 17.73 7.48
C4 NAG F . 26.09 18.84 7.19
C5 NAG F . 26.36 19.44 5.82
C6 NAG F . 25.47 20.61 5.46
C7 NAG F . 30.55 17.25 8.28
C8 NAG F . 31.42 16.03 8.35
N2 NAG F . 29.48 17.16 7.48
O3 NAG F . 26.93 17.26 8.81
O4 NAG F . 24.77 18.32 7.22
O5 NAG F . 27.72 19.92 5.75
O6 NAG F . 25.06 21.36 6.59
O7 NAG F . 30.78 18.26 8.92
C1 NAG F . 24.08 18.86 8.38
C2 NAG F . 22.57 18.66 8.22
C3 NAG F . 21.83 19.21 9.42
C4 NAG F . 22.39 18.63 10.72
C5 NAG F . 23.90 18.83 10.77
C6 NAG F . 24.55 18.17 11.96
C7 NAG F . 22.10 18.67 5.80
C8 NAG F . 21.56 19.46 4.65
N2 NAG F . 22.09 19.28 6.98
O3 NAG F . 20.44 18.92 9.31
O4 NAG F . 21.80 19.25 11.83
O5 NAG F . 24.51 18.25 9.60
O6 NAG F . 23.72 18.26 13.11
O7 NAG F . 22.51 17.51 5.67
C1 FUC F . 26.01 22.35 7.00
C2 FUC F . 25.92 23.66 6.16
C3 FUC F . 24.58 24.34 6.39
C4 FUC F . 24.36 24.58 7.89
C5 FUC F . 24.59 23.29 8.69
C6 FUC F . 24.59 23.50 10.19
O2 FUC F . 26.19 23.47 4.76
O3 FUC F . 24.55 25.60 5.73
O4 FUC F . 25.25 25.59 8.35
O5 FUC F . 25.84 22.65 8.36
CA CA G . -10.11 -31.14 31.92
CA CA H . -8.76 -32.35 22.58
CA CA I . -7.28 -30.01 25.85
CA CA J . 11.77 -13.82 -9.61
CA CA K . 14.45 -8.49 -12.56
CA CA L . 17.91 -7.02 -10.31
C1 MAN M . 12.01 -23.82 -4.23
C2 MAN M . 13.22 -24.53 -3.62
C3 MAN M . 14.33 -24.71 -4.66
C4 MAN M . 13.77 -25.29 -5.98
C5 MAN M . 12.62 -24.41 -6.48
C6 MAN M . 11.97 -24.94 -7.74
O2 MAN M . 12.89 -25.85 -3.18
O3 MAN M . 15.40 -25.52 -4.18
O4 MAN M . 14.79 -25.33 -6.96
O5 MAN M . 11.60 -24.37 -5.47
O6 MAN M . 10.90 -25.80 -7.38
C1 MAN N . 12.89 -23.22 4.04
C2 MAN N . 12.98 -22.79 5.53
C3 MAN N . 14.20 -21.88 5.76
C4 MAN N . 15.46 -22.46 5.10
C5 MAN N . 15.18 -22.73 3.62
C6 MAN N . 16.36 -23.30 2.88
O2 MAN N . 13.17 -23.90 6.40
O3 MAN N . 14.42 -21.63 7.14
O4 MAN N . 16.55 -21.55 5.23
O5 MAN N . 14.11 -23.68 3.54
O6 MAN N . 16.06 -23.24 1.49
CA CA O . -16.97 23.33 10.96
CA CA P . -7.47 22.36 10.73
CA CA Q . -11.03 20.45 9.58
CA CA R . 20.50 -7.20 -2.04
CA CA S . 22.14 -13.68 -3.31
CA CA T . 19.88 -15.21 -6.25
C1 MAN U . 17.22 3.28 -5.23
C2 MAN U . 17.43 3.40 -6.75
C3 MAN U . 18.87 3.03 -7.11
C4 MAN U . 19.85 3.87 -6.29
C5 MAN U . 19.60 3.64 -4.80
C6 MAN U . 20.46 4.52 -3.91
O2 MAN U . 17.26 4.75 -7.19
O3 MAN U . 19.13 3.19 -8.50
O4 MAN U . 21.18 3.47 -6.60
O5 MAN U . 18.22 3.94 -4.47
O6 MAN U . 21.82 4.10 -4.05
C1 MAN V . 9.10 4.04 -6.36
C2 MAN V . 7.62 4.40 -6.15
C3 MAN V . 6.72 3.46 -6.95
C4 MAN V . 7.20 3.37 -8.41
C5 MAN V . 8.68 2.98 -8.45
C6 MAN V . 9.24 2.93 -9.86
O2 MAN V . 7.33 5.73 -6.62
O3 MAN V . 5.36 3.85 -6.90
O4 MAN V . 6.43 2.40 -9.11
O5 MAN V . 9.44 3.95 -7.72
O6 MAN V . 10.58 2.46 -9.77
CA CA W . 22.71 21.65 -7.70
CA CA X . 14.16 24.85 -5.35
CA CA Y . 16.09 21.40 -7.47
CA CA Z . -25.56 12.49 -13.91
CA CA AA . -30.00 9.00 -17.97
CA CA BA . -29.47 4.94 -18.13
C1 MAN CA . -19.40 13.62 -4.99
C2 MAN CA . -19.48 12.50 -3.93
C3 MAN CA . -20.93 12.15 -3.62
C4 MAN CA . -21.74 13.40 -3.29
C5 MAN CA . -21.64 14.41 -4.44
C6 MAN CA . -22.35 15.72 -4.14
O2 MAN CA . -18.91 12.93 -2.68
O3 MAN CA . -21.04 11.20 -2.57
O4 MAN CA . -23.10 13.06 -3.08
O5 MAN CA . -20.25 14.71 -4.69
O6 MAN CA . -21.61 16.77 -4.74
C1 MAN DA . -11.43 9.59 -6.43
C2 MAN DA . -11.67 8.12 -6.83
C3 MAN DA . -12.64 7.45 -5.84
C4 MAN DA . -12.19 7.70 -4.39
C5 MAN DA . -12.08 9.19 -4.13
C6 MAN DA . -11.57 9.52 -2.74
O2 MAN DA . -10.46 7.36 -6.75
O3 MAN DA . -12.79 6.06 -6.08
O4 MAN DA . -13.13 7.13 -3.49
O5 MAN DA . -11.14 9.77 -5.06
O6 MAN DA . -10.20 9.13 -2.67
#